data_8TBQ
#
_entry.id   8TBQ
#
_cell.length_a   207.659
_cell.length_b   39.512
_cell.length_c   177.979
_cell.angle_alpha   90.000
_cell.angle_beta   117.121
_cell.angle_gamma   90.000
#
_symmetry.space_group_name_H-M   'C 1 2 1'
#
loop_
_entity.id
_entity.type
_entity.pdbx_description
1 polymer 'SNS-101 Fab heavy chain'
2 polymer 'SNS-101 Fab light chain'
3 polymer 'V-type immunoglobulin domain-containing suppressor of T-cell activation'
4 non-polymer 1,2-ETHANEDIOL
5 non-polymer 2-acetamido-2-deoxy-beta-D-glucopyranose
6 water water
#
loop_
_entity_poly.entity_id
_entity_poly.type
_entity_poly.pdbx_seq_one_letter_code
_entity_poly.pdbx_strand_id
1 'polypeptide(L)'
;EVQLVESGGGLVQPGGSLRLSCAASGFTFDDYSMNWVRQAPGKGLEWVSYISSDADTIYYADSVKGRFTISRDNAKNSLY
LQMNSLRAEDTAVYYCAREAGGVLGRVDFQHWGQGTLVTVSSASTKGPSVFPLAPSSKSTSGGTAALGCLVKDYFPEPVT
VSWNSGALTSGVHTFPAVLQSSGLYSLSSVVTVPSSSLGTQTYICNVNHKPSNTKVDKKVEPKSCDKTH
;
H,A
2 'polypeptide(L)'
;DIQLTQSPSSLSASVGDRVTITCQASQDISNYLNWYQQKPGKAPKLLIYDASNLGTGVPSRFSGSGSGTDFTFTISSLQP
EDIATYYCQQADFVPPWTFGGGTKVEIKRTVAAPSVFIFPPSDEQLKSGTASVVCLLNNFYPREAKVQWKVDNALQSGNS
QESVTEQDSKDSTYSLSSTLTLSKADYEKHKVYACEVTHQGLSSPVTKSFNRGEC
;
L,B
3 'polypeptide(L)'
;FKVATPYSLYVCPEGQNVTLTCRLLGPVDKGHDVTFYKTWYRSSRGEVQTCSERRPIRQLTFQDLHLHHGGHQAAQTSHD
LAQRHGLESASDHHGNFSITMRNLTLLDSGLYCCLVVEIRHHHSEHRVHGAMELQVQTGKDAPSNCVVYPSSSQDSEQI
;
P,Q
#
# COMPACT_ATOMS: atom_id res chain seq x y z
N GLU A 1 27.38 -2.18 23.24
CA GLU A 1 26.50 -2.32 22.05
C GLU A 1 27.33 -2.29 20.76
N VAL A 2 26.73 -2.80 19.68
CA VAL A 2 27.33 -2.78 18.35
C VAL A 2 27.47 -1.32 17.90
N GLN A 3 28.60 -1.00 17.28
CA GLN A 3 28.91 0.36 16.88
C GLN A 3 29.77 0.31 15.62
N LEU A 4 29.46 1.19 14.66
CA LEU A 4 29.99 1.15 13.31
C LEU A 4 30.33 2.57 12.88
N VAL A 5 31.62 2.90 12.88
CA VAL A 5 32.05 4.27 12.59
C VAL A 5 32.68 4.30 11.19
N GLU A 6 31.97 4.92 10.22
CA GLU A 6 32.53 5.16 8.91
C GLU A 6 33.50 6.33 8.97
N SER A 7 34.42 6.35 8.00
CA SER A 7 35.39 7.41 7.84
C SER A 7 36.04 7.30 6.47
N GLY A 8 36.67 8.39 6.02
CA GLY A 8 37.45 8.39 4.80
C GLY A 8 36.79 9.15 3.65
N GLY A 9 35.51 9.50 3.80
CA GLY A 9 34.78 10.25 2.78
C GLY A 9 35.24 11.70 2.70
N GLY A 10 34.97 12.34 1.56
CA GLY A 10 35.38 13.72 1.32
C GLY A 10 35.29 14.10 -0.16
N LEU A 11 35.86 15.27 -0.49
CA LEU A 11 35.84 15.79 -1.85
C LEU A 11 36.91 15.10 -2.68
N VAL A 12 36.60 14.85 -3.96
CA VAL A 12 37.50 14.20 -4.90
C VAL A 12 37.02 14.52 -6.31
N GLN A 13 37.97 14.68 -7.24
CA GLN A 13 37.66 15.13 -8.59
C GLN A 13 37.18 13.96 -9.44
N PRO A 14 36.40 14.20 -10.51
CA PRO A 14 36.03 13.15 -11.48
C PRO A 14 37.24 12.34 -11.94
N GLY A 15 37.12 11.01 -11.87
CA GLY A 15 38.20 10.09 -12.21
C GLY A 15 39.07 9.72 -11.02
N GLY A 16 38.89 10.43 -9.88
CA GLY A 16 39.76 10.29 -8.73
C GLY A 16 39.44 9.04 -7.92
N SER A 17 40.28 8.80 -6.90
CA SER A 17 40.12 7.65 -6.02
C SER A 17 40.04 8.10 -4.56
N LEU A 18 39.51 7.20 -3.73
CA LEU A 18 39.18 7.47 -2.35
C LEU A 18 38.88 6.14 -1.67
N ARG A 19 39.15 6.07 -0.36
CA ARG A 19 39.03 4.83 0.40
C ARG A 19 38.25 5.12 1.69
N LEU A 20 37.14 4.38 1.88
CA LEU A 20 36.34 4.49 3.09
C LEU A 20 36.75 3.37 4.05
N SER A 21 36.60 3.65 5.36
CA SER A 21 36.84 2.68 6.41
C SER A 21 35.59 2.59 7.29
N CYS A 22 35.35 1.41 7.85
CA CYS A 22 34.25 1.19 8.78
C CYS A 22 34.78 0.43 9.99
N ALA A 23 34.80 1.11 11.15
CA ALA A 23 35.42 0.59 12.35
C ALA A 23 34.35 -0.07 13.23
N ALA A 24 34.47 -1.39 13.41
CA ALA A 24 33.46 -2.17 14.11
C ALA A 24 33.90 -2.41 15.55
N SER A 25 32.92 -2.41 16.48
CA SER A 25 33.17 -2.70 17.89
C SER A 25 31.88 -3.17 18.55
N GLY A 26 32.02 -3.96 19.62
CA GLY A 26 30.89 -4.47 20.40
C GLY A 26 30.29 -5.75 19.82
N PHE A 27 31.01 -6.42 18.90
CA PHE A 27 30.63 -7.75 18.42
C PHE A 27 31.83 -8.41 17.73
N THR A 28 31.77 -9.75 17.60
CA THR A 28 32.81 -10.50 16.91
C THR A 28 32.72 -10.22 15.41
N PHE A 29 33.43 -9.18 14.95
CA PHE A 29 33.46 -8.78 13.56
C PHE A 29 33.73 -9.97 12.63
N ASP A 30 34.56 -10.92 13.09
CA ASP A 30 34.92 -12.11 12.35
C ASP A 30 33.71 -12.85 11.77
N ASP A 31 32.61 -12.95 12.54
CA ASP A 31 31.55 -13.92 12.26
C ASP A 31 30.49 -13.42 11.29
N TYR A 32 30.42 -12.11 11.01
CA TYR A 32 29.26 -11.51 10.37
C TYR A 32 29.58 -10.98 8.97
N SER A 33 28.57 -11.02 8.08
CA SER A 33 28.66 -10.45 6.75
C SER A 33 28.38 -8.95 6.81
N MET A 34 29.01 -8.18 5.91
CA MET A 34 28.96 -6.73 5.94
C MET A 34 28.59 -6.21 4.54
N ASN A 35 27.81 -5.13 4.48
CA ASN A 35 27.46 -4.49 3.22
C ASN A 35 27.84 -3.01 3.26
N TRP A 36 28.01 -2.43 2.07
CA TRP A 36 28.02 -0.99 1.87
C TRP A 36 26.71 -0.58 1.19
N VAL A 37 26.12 0.52 1.67
CA VAL A 37 24.88 1.05 1.12
C VAL A 37 25.07 2.56 0.97
N ARG A 38 24.76 3.11 -0.22
CA ARG A 38 24.91 4.53 -0.44
C ARG A 38 23.55 5.19 -0.60
N GLN A 39 23.48 6.45 -0.17
CA GLN A 39 22.31 7.29 -0.33
C GLN A 39 22.75 8.64 -0.89
N ALA A 40 22.43 8.88 -2.17
CA ALA A 40 22.71 10.15 -2.82
C ALA A 40 21.89 11.26 -2.16
N PRO A 41 22.30 12.54 -2.23
CA PRO A 41 21.65 13.61 -1.47
C PRO A 41 20.15 13.71 -1.78
N GLY A 42 19.33 13.54 -0.73
CA GLY A 42 17.88 13.68 -0.84
C GLY A 42 17.21 12.59 -1.68
N LYS A 43 17.87 11.43 -1.84
CA LYS A 43 17.36 10.35 -2.67
C LYS A 43 17.33 9.06 -1.86
N GLY A 44 16.83 7.99 -2.48
CA GLY A 44 16.64 6.71 -1.79
C GLY A 44 17.95 5.95 -1.59
N LEU A 45 17.84 4.79 -0.92
CA LEU A 45 18.97 3.94 -0.62
C LEU A 45 19.34 3.11 -1.86
N GLU A 46 20.65 2.92 -2.05
CA GLU A 46 21.18 2.01 -3.04
C GLU A 46 22.23 1.12 -2.38
N TRP A 47 22.06 -0.20 -2.48
CA TRP A 47 23.08 -1.16 -2.10
C TRP A 47 24.25 -1.06 -3.08
N VAL A 48 25.47 -1.26 -2.57
CA VAL A 48 26.69 -0.99 -3.30
C VAL A 48 27.51 -2.28 -3.45
N SER A 49 27.79 -2.96 -2.32
CA SER A 49 28.65 -4.12 -2.33
C SER A 49 28.39 -5.00 -1.09
N TYR A 50 28.71 -6.30 -1.22
CA TYR A 50 28.51 -7.29 -0.16
C TYR A 50 29.85 -7.97 0.11
N ILE A 51 30.04 -8.44 1.36
CA ILE A 51 31.28 -9.09 1.75
C ILE A 51 30.97 -10.14 2.83
N SER A 52 31.43 -11.38 2.59
CA SER A 52 31.18 -12.49 3.48
C SER A 52 32.02 -12.31 4.75
N SER A 53 31.80 -13.20 5.74
CA SER A 53 32.46 -13.10 7.04
C SER A 53 33.96 -13.31 6.90
N ASP A 54 34.35 -14.35 6.13
CA ASP A 54 35.75 -14.63 5.81
C ASP A 54 36.04 -14.31 4.34
N ALA A 55 35.16 -13.53 3.70
CA ALA A 55 35.43 -12.87 2.44
C ALA A 55 35.47 -13.84 1.25
N ASP A 56 34.84 -15.02 1.38
CA ASP A 56 34.86 -16.01 0.33
C ASP A 56 33.90 -15.60 -0.79
N THR A 57 32.76 -15.00 -0.40
CA THR A 57 31.75 -14.50 -1.32
C THR A 57 31.78 -12.97 -1.33
N ILE A 58 31.83 -12.37 -2.54
CA ILE A 58 31.82 -10.92 -2.70
C ILE A 58 30.94 -10.59 -3.90
N TYR A 59 30.06 -9.60 -3.73
CA TYR A 59 29.20 -9.10 -4.78
C TYR A 59 29.32 -7.58 -4.87
N TYR A 60 29.01 -7.05 -6.06
CA TYR A 60 28.95 -5.62 -6.32
C TYR A 60 27.70 -5.30 -7.13
N ALA A 61 27.16 -4.09 -6.96
CA ALA A 61 26.20 -3.53 -7.89
C ALA A 61 26.89 -3.31 -9.25
N ASP A 62 26.14 -3.41 -10.35
CA ASP A 62 26.68 -3.22 -11.69
C ASP A 62 27.22 -1.81 -11.88
N SER A 63 26.60 -0.81 -11.22
CA SER A 63 26.99 0.58 -11.37
C SER A 63 28.39 0.84 -10.81
N VAL A 64 28.84 0.01 -9.85
CA VAL A 64 30.16 0.19 -9.23
C VAL A 64 31.15 -0.88 -9.70
N LYS A 65 30.69 -1.94 -10.37
CA LYS A 65 31.53 -3.08 -10.70
C LYS A 65 32.61 -2.64 -11.70
N GLY A 66 33.86 -3.07 -11.45
CA GLY A 66 35.02 -2.65 -12.21
C GLY A 66 35.81 -1.51 -11.53
N ARG A 67 35.13 -0.73 -10.68
CA ARG A 67 35.68 0.50 -10.13
C ARG A 67 35.97 0.33 -8.65
N PHE A 68 34.94 -0.09 -7.89
CA PHE A 68 35.01 -0.18 -6.44
C PHE A 68 35.48 -1.58 -6.04
N THR A 69 36.25 -1.67 -4.95
CA THR A 69 36.75 -2.95 -4.46
C THR A 69 36.55 -3.02 -2.96
N ILE A 70 35.85 -4.08 -2.51
CA ILE A 70 35.51 -4.29 -1.11
C ILE A 70 36.50 -5.26 -0.49
N SER A 71 36.75 -5.08 0.81
CA SER A 71 37.66 -5.91 1.58
C SER A 71 37.41 -5.69 3.07
N ARG A 72 38.05 -6.53 3.91
CA ARG A 72 37.94 -6.41 5.36
C ARG A 72 39.21 -6.94 6.03
N ASP A 73 39.52 -6.38 7.19
CA ASP A 73 40.60 -6.84 8.04
C ASP A 73 40.00 -7.31 9.36
N ASN A 74 39.81 -8.64 9.48
CA ASN A 74 39.13 -9.24 10.62
C ASN A 74 39.96 -9.08 11.91
N ALA A 75 41.29 -8.98 11.77
CA ALA A 75 42.17 -8.72 12.89
C ALA A 75 41.97 -7.30 13.44
N LYS A 76 41.64 -6.34 12.57
CA LYS A 76 41.50 -4.94 12.93
C LYS A 76 40.03 -4.53 13.11
N ASN A 77 39.08 -5.48 13.00
CA ASN A 77 37.66 -5.17 13.06
C ASN A 77 37.33 -4.02 12.10
N SER A 78 37.67 -4.20 10.82
CA SER A 78 37.65 -3.11 9.85
C SER A 78 37.13 -3.60 8.50
N LEU A 79 36.32 -2.74 7.86
CA LEU A 79 35.76 -2.98 6.53
C LEU A 79 36.12 -1.79 5.65
N TYR A 80 36.50 -2.07 4.41
CA TYR A 80 37.04 -1.06 3.51
C TYR A 80 36.25 -1.03 2.21
N LEU A 81 36.33 0.12 1.53
CA LEU A 81 35.80 0.27 0.19
C LEU A 81 36.72 1.19 -0.60
N GLN A 82 37.59 0.58 -1.40
CA GLN A 82 38.35 1.29 -2.41
C GLN A 82 37.39 1.75 -3.49
N MET A 83 37.53 3.02 -3.92
CA MET A 83 36.65 3.59 -4.93
C MET A 83 37.51 4.28 -5.98
N ASN A 84 37.41 3.81 -7.23
CA ASN A 84 38.25 4.31 -8.33
C ASN A 84 37.34 4.82 -9.44
N SER A 85 37.87 5.75 -10.26
CA SER A 85 37.18 6.25 -11.44
C SER A 85 35.82 6.84 -11.07
N LEU A 86 35.80 7.69 -10.02
CA LEU A 86 34.57 8.23 -9.47
C LEU A 86 33.92 9.19 -10.45
N ARG A 87 32.59 9.12 -10.53
CA ARG A 87 31.78 9.97 -11.39
C ARG A 87 30.95 10.90 -10.50
N ALA A 88 30.22 11.82 -11.15
CA ALA A 88 29.27 12.70 -10.48
C ALA A 88 28.25 11.89 -9.67
N GLU A 89 27.75 10.79 -10.26
CA GLU A 89 26.68 9.98 -9.70
C GLU A 89 27.08 9.30 -8.40
N ASP A 90 28.40 9.14 -8.14
CA ASP A 90 28.88 8.45 -6.96
C ASP A 90 28.78 9.34 -5.71
N THR A 91 28.48 10.63 -5.88
CA THR A 91 28.24 11.55 -4.78
C THR A 91 27.10 11.04 -3.90
N ALA A 92 27.43 10.65 -2.66
CA ALA A 92 26.45 10.05 -1.75
C ALA A 92 27.05 9.88 -0.36
N VAL A 93 26.16 9.66 0.62
CA VAL A 93 26.53 9.20 1.94
C VAL A 93 26.66 7.68 1.88
N TYR A 94 27.77 7.15 2.41
CA TYR A 94 28.07 5.72 2.34
C TYR A 94 28.01 5.12 3.74
N TYR A 95 27.04 4.22 3.95
CA TYR A 95 26.90 3.48 5.20
C TYR A 95 27.47 2.08 5.01
N CYS A 96 28.36 1.67 5.93
CA CYS A 96 28.58 0.26 6.18
C CYS A 96 27.43 -0.23 7.06
N ALA A 97 27.03 -1.50 6.87
CA ALA A 97 25.94 -2.11 7.60
C ALA A 97 26.23 -3.59 7.83
N ARG A 98 26.01 -4.05 9.07
CA ARG A 98 26.31 -5.42 9.48
C ARG A 98 25.02 -6.21 9.47
N GLU A 99 25.02 -7.36 8.78
CA GLU A 99 23.85 -8.21 8.72
C GLU A 99 23.65 -8.90 10.06
N ALA A 100 22.43 -8.81 10.60
CA ALA A 100 22.02 -9.63 11.74
C ALA A 100 22.38 -11.09 11.46
N GLY A 101 23.27 -11.66 12.28
CA GLY A 101 23.79 -12.99 12.01
C GLY A 101 23.03 -14.03 12.82
N GLY A 102 23.71 -14.57 13.84
CA GLY A 102 23.08 -15.43 14.83
C GLY A 102 22.82 -16.83 14.29
N VAL A 103 22.19 -17.65 15.13
CA VAL A 103 21.97 -19.06 14.85
C VAL A 103 20.86 -19.22 13.81
N LEU A 104 19.97 -18.21 13.70
CA LEU A 104 18.91 -18.18 12.70
C LEU A 104 19.46 -17.90 11.30
N GLY A 105 20.68 -17.36 11.20
CA GLY A 105 21.31 -17.09 9.91
C GLY A 105 20.57 -16.00 9.14
N ARG A 106 20.24 -14.90 9.84
CA ARG A 106 19.49 -13.80 9.28
C ARG A 106 20.36 -13.06 8.27
N VAL A 107 19.72 -12.22 7.45
CA VAL A 107 20.36 -11.55 6.34
C VAL A 107 19.97 -10.05 6.30
N ASP A 108 19.08 -9.62 7.21
CA ASP A 108 18.65 -8.23 7.26
C ASP A 108 19.74 -7.35 7.90
N PHE A 109 19.75 -6.07 7.53
CA PHE A 109 20.75 -5.11 7.93
C PHE A 109 20.35 -4.49 9.28
N GLN A 110 20.69 -5.15 10.40
CA GLN A 110 20.16 -4.72 11.69
C GLN A 110 21.00 -3.57 12.27
N HIS A 111 22.30 -3.53 11.95
CA HIS A 111 23.19 -2.50 12.46
C HIS A 111 23.76 -1.67 11.32
N TRP A 112 23.49 -0.36 11.35
CA TRP A 112 24.02 0.61 10.40
C TRP A 112 25.02 1.53 11.11
N GLY A 113 25.98 2.05 10.35
CA GLY A 113 26.79 3.18 10.80
C GLY A 113 26.10 4.50 10.49
N GLN A 114 26.72 5.61 10.93
CA GLN A 114 26.16 6.95 10.78
C GLN A 114 26.43 7.50 9.37
N GLY A 115 27.46 6.96 8.72
CA GLY A 115 27.73 7.24 7.32
C GLY A 115 28.83 8.29 7.14
N THR A 116 29.35 8.36 5.91
CA THR A 116 30.42 9.27 5.55
C THR A 116 30.11 9.86 4.16
N LEU A 117 30.03 11.20 4.07
CA LEU A 117 29.69 11.86 2.83
C LEU A 117 30.88 11.82 1.87
N VAL A 118 30.61 11.40 0.63
CA VAL A 118 31.56 11.48 -0.46
C VAL A 118 30.98 12.47 -1.48
N THR A 119 31.76 13.52 -1.79
CA THR A 119 31.40 14.48 -2.82
C THR A 119 32.34 14.26 -4.01
N VAL A 120 31.78 14.27 -5.22
CA VAL A 120 32.58 14.19 -6.44
C VAL A 120 32.33 15.47 -7.25
N SER A 121 33.38 16.29 -7.35
CA SER A 121 33.26 17.64 -7.92
C SER A 121 34.66 18.18 -8.25
N SER A 122 34.75 18.91 -9.37
CA SER A 122 35.98 19.59 -9.77
C SER A 122 36.14 20.92 -9.05
N ALA A 123 35.06 21.45 -8.45
CA ALA A 123 35.12 22.66 -7.63
C ALA A 123 35.97 22.41 -6.38
N SER A 124 36.46 23.51 -5.80
CA SER A 124 37.51 23.48 -4.79
C SER A 124 36.91 23.47 -3.39
N THR A 125 37.72 23.00 -2.42
CA THR A 125 37.43 23.16 -1.00
C THR A 125 37.40 24.65 -0.65
N LYS A 126 36.52 25.01 0.29
CA LYS A 126 36.35 26.40 0.70
C LYS A 126 35.68 26.44 2.07
N GLY A 127 36.34 27.09 3.02
CA GLY A 127 35.81 27.20 4.38
C GLY A 127 34.75 28.28 4.48
N PRO A 128 33.88 28.22 5.53
CA PRO A 128 32.80 29.20 5.70
C PRO A 128 33.23 30.53 6.30
N SER A 129 32.27 31.46 6.37
CA SER A 129 32.44 32.77 6.98
C SER A 129 31.27 33.02 7.93
N VAL A 130 31.50 32.85 9.24
CA VAL A 130 30.42 32.88 10.22
C VAL A 130 30.11 34.34 10.57
N PHE A 131 28.85 34.74 10.39
CA PHE A 131 28.38 36.08 10.69
C PHE A 131 27.21 35.97 11.68
N PRO A 132 27.20 36.73 12.80
CA PRO A 132 26.15 36.60 13.80
C PRO A 132 24.82 37.18 13.33
N LEU A 133 23.73 36.67 13.92
CA LEU A 133 22.38 37.17 13.72
C LEU A 133 21.87 37.68 15.06
N ALA A 134 22.10 38.98 15.31
CA ALA A 134 22.00 39.54 16.65
C ALA A 134 20.53 39.77 17.01
N PRO A 135 20.13 39.47 18.28
CA PRO A 135 18.76 39.74 18.72
C PRO A 135 18.54 41.22 19.00
N SER A 136 17.81 41.90 18.11
CA SER A 136 17.59 43.34 18.24
C SER A 136 16.62 43.65 19.36
N SER A 137 16.54 44.94 19.74
CA SER A 137 15.73 45.40 20.84
C SER A 137 14.25 45.14 20.57
N LYS A 138 13.81 45.43 19.33
CA LYS A 138 12.45 45.13 18.88
C LYS A 138 12.44 43.87 18.02
N SER A 139 12.93 42.76 18.60
CA SER A 139 12.80 41.43 18.03
C SER A 139 12.93 40.38 19.12
N THR A 140 12.10 40.53 20.17
CA THR A 140 12.00 39.59 21.28
C THR A 140 10.52 39.39 21.59
N SER A 141 9.89 38.48 20.85
CA SER A 141 8.44 38.41 20.71
C SER A 141 7.79 37.96 22.02
N GLY A 142 7.49 38.93 22.90
CA GLY A 142 6.75 38.69 24.13
C GLY A 142 7.61 37.98 25.19
N GLY A 143 8.79 38.56 25.47
CA GLY A 143 9.73 37.98 26.42
C GLY A 143 10.46 36.75 25.88
N THR A 144 10.56 36.62 24.55
CA THR A 144 11.16 35.47 23.89
C THR A 144 12.06 35.95 22.75
N ALA A 145 13.39 35.94 22.99
CA ALA A 145 14.38 36.41 22.04
C ALA A 145 14.78 35.28 21.10
N ALA A 146 15.31 35.65 19.92
CA ALA A 146 15.81 34.70 18.94
C ALA A 146 17.08 35.25 18.30
N LEU A 147 18.11 34.40 18.22
CA LEU A 147 19.43 34.77 17.70
C LEU A 147 20.02 33.59 16.95
N GLY A 148 21.11 33.83 16.21
CA GLY A 148 21.72 32.78 15.41
C GLY A 148 23.08 33.15 14.82
N CYS A 149 23.64 32.21 14.04
CA CYS A 149 24.80 32.42 13.20
C CYS A 149 24.43 32.16 11.74
N LEU A 150 25.20 32.75 10.82
CA LEU A 150 25.02 32.57 9.39
C LEU A 150 26.31 32.04 8.78
N VAL A 151 26.38 30.72 8.60
CA VAL A 151 27.54 30.06 8.03
C VAL A 151 27.45 30.17 6.51
N LYS A 152 28.26 31.05 5.90
CA LYS A 152 28.06 31.48 4.52
C LYS A 152 29.28 31.14 3.66
N ASP A 153 29.01 30.70 2.42
CA ASP A 153 30.01 30.45 1.37
C ASP A 153 31.01 29.39 1.83
N TYR A 154 30.62 28.11 1.69
CA TYR A 154 31.52 26.99 1.93
C TYR A 154 31.25 25.88 0.92
N PHE A 155 32.24 25.01 0.75
CA PHE A 155 32.14 23.83 -0.09
C PHE A 155 33.27 22.86 0.30
N PRO A 156 33.06 21.52 0.36
CA PRO A 156 31.75 20.89 0.20
C PRO A 156 30.93 20.89 1.49
N GLU A 157 29.84 20.11 1.51
CA GLU A 157 29.18 19.70 2.73
C GLU A 157 30.06 18.69 3.47
N PRO A 158 29.87 18.43 4.78
CA PRO A 158 28.99 19.20 5.66
C PRO A 158 29.70 20.13 6.64
N VAL A 159 28.91 20.99 7.30
CA VAL A 159 29.32 21.66 8.53
C VAL A 159 28.51 21.08 9.68
N THR A 160 29.06 21.19 10.90
CA THR A 160 28.34 20.88 12.13
C THR A 160 28.35 22.12 13.03
N VAL A 161 27.16 22.46 13.56
CA VAL A 161 26.94 23.67 14.34
C VAL A 161 26.31 23.29 15.67
N SER A 162 27.02 23.54 16.78
CA SER A 162 26.50 23.38 18.13
C SER A 162 26.44 24.73 18.83
N TRP A 163 25.82 24.77 20.01
CA TRP A 163 25.66 26.00 20.79
C TRP A 163 26.16 25.77 22.22
N ASN A 164 27.06 26.66 22.66
CA ASN A 164 27.68 26.61 23.98
C ASN A 164 28.36 25.24 24.19
N SER A 165 29.12 24.82 23.17
CA SER A 165 29.86 23.57 23.17
C SER A 165 28.95 22.34 23.37
N GLY A 166 27.72 22.41 22.84
CA GLY A 166 26.76 21.32 22.92
C GLY A 166 25.82 21.38 24.12
N ALA A 167 26.06 22.30 25.05
CA ALA A 167 25.30 22.37 26.30
C ALA A 167 23.90 22.97 26.09
N LEU A 168 23.74 23.82 25.06
CA LEU A 168 22.44 24.33 24.65
C LEU A 168 21.93 23.52 23.46
N THR A 169 21.00 22.60 23.72
CA THR A 169 20.35 21.80 22.69
C THR A 169 18.93 22.29 22.42
N SER A 170 18.18 22.64 23.48
CA SER A 170 16.78 23.00 23.38
C SER A 170 16.61 24.34 22.65
N GLY A 171 15.62 24.41 21.76
CA GLY A 171 15.26 25.63 21.06
C GLY A 171 15.95 25.81 19.71
N VAL A 172 16.96 24.97 19.41
CA VAL A 172 17.85 25.18 18.28
C VAL A 172 17.18 24.72 16.99
N HIS A 173 17.42 25.45 15.89
CA HIS A 173 16.98 25.09 14.56
C HIS A 173 18.11 25.35 13.57
N THR A 174 18.96 24.33 13.35
CA THR A 174 19.97 24.34 12.30
C THR A 174 19.31 23.99 10.97
N PHE A 175 19.33 24.94 10.02
CA PHE A 175 18.63 24.77 8.75
C PHE A 175 19.47 23.94 7.78
N PRO A 176 18.84 23.35 6.73
CA PRO A 176 19.57 22.71 5.64
C PRO A 176 20.46 23.68 4.87
N ALA A 177 21.61 23.16 4.40
CA ALA A 177 22.48 23.90 3.50
C ALA A 177 21.75 24.21 2.20
N VAL A 178 22.04 25.40 1.65
CA VAL A 178 21.39 25.89 0.44
C VAL A 178 22.49 26.21 -0.58
N LEU A 179 22.51 25.49 -1.70
CA LEU A 179 23.42 25.77 -2.80
C LEU A 179 23.01 27.09 -3.45
N GLN A 180 24.01 27.82 -3.96
CA GLN A 180 23.80 29.18 -4.47
C GLN A 180 24.30 29.28 -5.90
N SER A 181 24.00 30.42 -6.54
CA SER A 181 24.55 30.77 -7.84
C SER A 181 26.03 31.15 -7.72
N SER A 182 26.54 31.33 -6.49
CA SER A 182 27.96 31.30 -6.18
C SER A 182 28.58 29.96 -6.60
N GLY A 183 27.87 28.86 -6.36
CA GLY A 183 28.42 27.52 -6.41
C GLY A 183 28.80 27.00 -5.03
N LEU A 184 28.42 27.74 -3.98
CA LEU A 184 28.80 27.48 -2.61
C LEU A 184 27.54 27.34 -1.77
N TYR A 185 27.66 26.58 -0.67
CA TYR A 185 26.55 26.34 0.25
C TYR A 185 26.47 27.47 1.28
N SER A 186 25.27 27.63 1.86
CA SER A 186 25.05 28.51 2.99
C SER A 186 23.90 27.97 3.83
N LEU A 187 24.05 28.04 5.16
CA LEU A 187 22.95 27.78 6.08
C LEU A 187 22.97 28.80 7.21
N SER A 188 21.89 28.76 8.00
CA SER A 188 21.78 29.50 9.24
C SER A 188 21.43 28.54 10.36
N SER A 189 21.95 28.81 11.57
CA SER A 189 21.57 28.08 12.76
C SER A 189 21.04 29.09 13.78
N VAL A 190 19.79 28.89 14.24
CA VAL A 190 19.14 29.81 15.16
C VAL A 190 18.76 29.07 16.43
N VAL A 191 18.38 29.84 17.46
CA VAL A 191 17.94 29.30 18.73
C VAL A 191 17.13 30.37 19.46
N THR A 192 16.01 29.95 20.06
CA THR A 192 15.14 30.85 20.80
C THR A 192 15.42 30.71 22.30
N VAL A 193 15.53 31.85 22.99
CA VAL A 193 15.86 31.91 24.41
C VAL A 193 15.09 33.07 25.04
N PRO A 194 14.89 33.11 26.39
CA PRO A 194 14.20 34.23 27.03
C PRO A 194 15.00 35.53 26.96
N SER A 195 14.30 36.63 26.69
CA SER A 195 14.93 37.91 26.44
C SER A 195 15.47 38.53 27.73
N SER A 196 14.92 38.10 28.88
CA SER A 196 15.40 38.52 30.19
C SER A 196 16.84 38.06 30.45
N SER A 197 17.22 36.89 29.90
CA SER A 197 18.56 36.33 30.08
C SER A 197 19.42 36.57 28.83
N LEU A 198 19.34 37.78 28.25
CA LEU A 198 20.22 38.18 27.17
C LEU A 198 21.57 38.60 27.73
N GLY A 199 21.54 39.52 28.71
CA GLY A 199 22.74 39.99 29.38
C GLY A 199 23.37 38.94 30.31
N THR A 200 22.53 38.07 30.88
CA THR A 200 22.97 37.09 31.88
C THR A 200 23.85 36.02 31.25
N GLN A 201 23.29 35.30 30.26
CA GLN A 201 23.93 34.12 29.67
C GLN A 201 24.62 34.51 28.36
N THR A 202 25.80 33.91 28.13
CA THR A 202 26.56 34.09 26.92
C THR A 202 26.25 32.97 25.94
N TYR A 203 26.02 33.32 24.66
CA TYR A 203 25.56 32.39 23.64
C TYR A 203 26.57 32.34 22.50
N ILE A 204 27.11 31.14 22.23
CA ILE A 204 28.24 30.95 21.33
C ILE A 204 27.95 29.76 20.42
N CYS A 205 27.89 29.98 19.10
CA CYS A 205 27.72 28.90 18.13
C CYS A 205 29.08 28.39 17.68
N ASN A 206 29.23 27.06 17.61
CA ASN A 206 30.52 26.42 17.40
C ASN A 206 30.50 25.74 16.03
N VAL A 207 30.87 26.50 14.99
CA VAL A 207 30.91 26.01 13.62
C VAL A 207 32.17 25.16 13.44
N ASN A 208 32.06 24.16 12.55
CA ASN A 208 33.16 23.26 12.25
C ASN A 208 33.03 22.81 10.79
N HIS A 209 34.17 22.73 10.09
CA HIS A 209 34.19 22.41 8.67
C HIS A 209 35.46 21.61 8.37
N LYS A 210 35.37 20.29 8.57
CA LYS A 210 36.53 19.41 8.54
C LYS A 210 37.19 19.34 7.16
N PRO A 211 36.47 19.51 6.03
CA PRO A 211 37.12 19.64 4.72
C PRO A 211 38.21 20.71 4.62
N SER A 212 37.98 21.89 5.23
CA SER A 212 38.93 22.99 5.21
C SER A 212 39.53 23.25 6.60
N ASN A 213 39.22 22.40 7.59
CA ASN A 213 39.79 22.47 8.94
C ASN A 213 39.41 23.79 9.62
N THR A 214 38.20 24.28 9.36
CA THR A 214 37.75 25.58 9.85
C THR A 214 36.85 25.39 11.07
N LYS A 215 37.48 25.21 12.23
CA LYS A 215 36.78 25.29 13.51
C LYS A 215 36.64 26.77 13.90
N VAL A 216 35.43 27.19 14.26
CA VAL A 216 35.12 28.58 14.53
C VAL A 216 34.11 28.66 15.68
N ASP A 217 34.34 29.58 16.61
CA ASP A 217 33.35 30.00 17.59
C ASP A 217 32.90 31.42 17.24
N LYS A 218 31.72 31.82 17.73
CA LYS A 218 31.20 33.16 17.48
C LYS A 218 30.21 33.53 18.58
N LYS A 219 30.59 34.51 19.41
CA LYS A 219 29.70 35.06 20.43
C LYS A 219 28.61 35.87 19.74
N VAL A 220 27.40 35.86 20.33
CA VAL A 220 26.25 36.58 19.81
C VAL A 220 25.64 37.39 20.95
N GLU A 221 25.81 38.72 20.88
CA GLU A 221 25.22 39.66 21.82
C GLU A 221 24.41 40.69 21.02
N PRO A 222 23.45 41.42 21.66
CA PRO A 222 22.54 42.32 20.93
C PRO A 222 23.26 43.47 20.21
N LYS A 223 22.86 43.72 18.95
CA LYS A 223 23.42 44.80 18.14
C LYS A 223 22.42 45.16 17.04
N ASP B 1 16.96 -8.32 -12.13
CA ASP B 1 17.00 -7.41 -10.94
C ASP B 1 15.56 -7.16 -10.49
N ILE B 2 15.30 -7.39 -9.20
CA ILE B 2 13.97 -7.28 -8.62
C ILE B 2 13.67 -5.81 -8.33
N GLN B 3 12.60 -5.28 -8.93
CA GLN B 3 12.14 -3.92 -8.71
C GLN B 3 11.10 -3.93 -7.58
N LEU B 4 11.22 -2.98 -6.64
CA LEU B 4 10.27 -2.79 -5.56
C LEU B 4 9.54 -1.46 -5.77
N THR B 5 8.24 -1.52 -6.04
CA THR B 5 7.43 -0.31 -6.16
C THR B 5 6.77 -0.08 -4.81
N GLN B 6 7.08 1.08 -4.19
CA GLN B 6 6.62 1.40 -2.85
C GLN B 6 5.62 2.54 -2.92
N SER B 7 4.48 2.35 -2.23
CA SER B 7 3.32 3.21 -2.39
C SER B 7 2.76 3.55 -1.01
N PRO B 8 2.38 4.82 -0.69
CA PRO B 8 2.65 6.00 -1.54
C PRO B 8 4.05 6.57 -1.29
N SER B 9 4.50 7.49 -2.17
CA SER B 9 5.80 8.11 -2.04
C SER B 9 5.83 9.09 -0.85
N SER B 10 4.70 9.77 -0.60
CA SER B 10 4.54 10.69 0.54
C SER B 10 3.17 10.48 1.18
N LEU B 11 2.99 11.03 2.38
CA LEU B 11 1.87 10.66 3.25
C LEU B 11 1.71 11.69 4.37
N SER B 12 0.44 11.97 4.72
CA SER B 12 0.08 12.89 5.79
C SER B 12 -1.07 12.28 6.59
N ALA B 13 -0.89 12.11 7.91
CA ALA B 13 -1.89 11.48 8.76
C ALA B 13 -1.79 11.97 10.20
N SER B 14 -2.92 12.03 10.92
CA SER B 14 -2.98 12.62 12.24
C SER B 14 -2.38 11.70 13.29
N VAL B 15 -2.09 12.26 14.47
CA VAL B 15 -1.63 11.50 15.62
C VAL B 15 -2.74 10.55 16.03
N GLY B 16 -2.46 9.24 15.98
CA GLY B 16 -3.43 8.22 16.35
C GLY B 16 -3.93 7.41 15.15
N ASP B 17 -3.89 8.01 13.96
CA ASP B 17 -4.40 7.39 12.75
C ASP B 17 -3.56 6.16 12.39
N ARG B 18 -4.24 5.13 11.88
CA ARG B 18 -3.58 4.02 11.21
C ARG B 18 -2.88 4.55 9.97
N VAL B 19 -1.68 4.01 9.73
CA VAL B 19 -0.89 4.31 8.55
C VAL B 19 -0.39 2.99 7.97
N THR B 20 -0.64 2.79 6.67
CA THR B 20 -0.25 1.56 5.98
C THR B 20 0.52 1.90 4.71
N ILE B 21 1.75 1.35 4.60
CA ILE B 21 2.63 1.52 3.45
C ILE B 21 2.70 0.18 2.71
N THR B 22 2.86 0.25 1.38
CA THR B 22 2.78 -0.93 0.53
C THR B 22 4.05 -1.03 -0.30
N CYS B 23 4.57 -2.25 -0.44
CA CYS B 23 5.70 -2.59 -1.28
C CYS B 23 5.25 -3.66 -2.28
N GLN B 24 5.61 -3.48 -3.57
CA GLN B 24 5.18 -4.37 -4.64
C GLN B 24 6.44 -4.88 -5.36
N ALA B 25 6.70 -6.19 -5.25
CA ALA B 25 7.90 -6.79 -5.83
C ALA B 25 7.59 -7.31 -7.23
N SER B 26 8.51 -7.09 -8.18
CA SER B 26 8.35 -7.48 -9.57
C SER B 26 8.48 -9.00 -9.76
N GLN B 27 9.03 -9.71 -8.76
CA GLN B 27 9.03 -11.16 -8.73
C GLN B 27 8.52 -11.63 -7.38
N ASP B 28 8.17 -12.92 -7.32
CA ASP B 28 8.03 -13.63 -6.06
C ASP B 28 9.32 -13.48 -5.28
N ILE B 29 9.24 -12.94 -4.06
CA ILE B 29 10.36 -12.83 -3.14
C ILE B 29 10.04 -13.55 -1.83
N SER B 30 9.14 -14.55 -1.88
CA SER B 30 8.69 -15.28 -0.70
C SER B 30 8.27 -14.30 0.40
N ASN B 31 8.90 -14.34 1.57
CA ASN B 31 8.70 -13.32 2.60
C ASN B 31 9.98 -12.53 2.83
N TYR B 32 10.90 -12.51 1.86
CA TYR B 32 12.23 -11.96 2.06
C TYR B 32 12.18 -10.44 1.88
N LEU B 33 11.47 -9.75 2.78
CA LEU B 33 11.33 -8.30 2.68
C LEU B 33 11.59 -7.67 4.05
N ASN B 34 12.55 -6.74 4.08
CA ASN B 34 12.90 -6.04 5.31
C ASN B 34 12.37 -4.61 5.21
N TRP B 35 11.97 -4.06 6.37
CA TRP B 35 11.41 -2.72 6.46
C TRP B 35 12.26 -1.87 7.40
N TYR B 36 12.80 -0.76 6.88
CA TYR B 36 13.65 0.15 7.63
C TYR B 36 12.94 1.48 7.85
N GLN B 37 13.45 2.25 8.85
CA GLN B 37 13.00 3.59 9.15
C GLN B 37 14.23 4.50 9.10
N GLN B 38 14.13 5.63 8.38
CA GLN B 38 15.18 6.63 8.34
C GLN B 38 14.63 7.97 8.79
N LYS B 39 14.93 8.35 10.05
CA LYS B 39 14.61 9.66 10.58
C LYS B 39 15.58 10.68 9.98
N PRO B 40 15.17 11.97 9.85
CA PRO B 40 16.02 12.97 9.19
C PRO B 40 17.28 13.25 10.01
N GLY B 41 18.46 13.08 9.38
CA GLY B 41 19.74 13.22 10.05
C GLY B 41 20.32 11.87 10.48
N LYS B 42 19.46 10.99 11.02
CA LYS B 42 19.87 9.65 11.44
C LYS B 42 19.96 8.75 10.20
N ALA B 43 20.70 7.64 10.35
CA ALA B 43 20.79 6.60 9.32
C ALA B 43 19.56 5.70 9.39
N PRO B 44 19.32 4.79 8.41
CA PRO B 44 18.25 3.79 8.50
C PRO B 44 18.34 2.88 9.73
N LYS B 45 17.18 2.38 10.16
CA LYS B 45 17.06 1.52 11.33
C LYS B 45 16.04 0.43 11.01
N LEU B 46 16.43 -0.84 11.17
CA LEU B 46 15.57 -1.98 10.90
C LEU B 46 14.43 -2.00 11.92
N LEU B 47 13.18 -2.14 11.41
CA LEU B 47 12.01 -2.35 12.22
C LEU B 47 11.49 -3.78 12.05
N ILE B 48 11.22 -4.19 10.79
CA ILE B 48 10.71 -5.52 10.48
C ILE B 48 11.75 -6.28 9.65
N TYR B 49 11.87 -7.59 9.89
CA TYR B 49 12.67 -8.46 9.02
C TYR B 49 11.82 -9.65 8.56
N ASP B 50 12.11 -10.12 7.34
CA ASP B 50 11.34 -11.20 6.73
C ASP B 50 9.85 -10.91 6.86
N ALA B 51 9.43 -9.74 6.36
CA ALA B 51 8.05 -9.39 6.08
C ALA B 51 7.27 -8.96 7.33
N SER B 52 7.32 -9.79 8.38
CA SER B 52 6.42 -9.66 9.52
C SER B 52 7.12 -9.78 10.88
N ASN B 53 8.41 -10.11 10.93
CA ASN B 53 9.10 -10.33 12.20
C ASN B 53 9.65 -9.00 12.71
N LEU B 54 9.23 -8.63 13.92
CA LEU B 54 9.59 -7.36 14.52
C LEU B 54 11.00 -7.45 15.10
N GLY B 55 11.75 -6.34 15.05
CA GLY B 55 13.04 -6.24 15.71
C GLY B 55 12.87 -6.03 17.21
N THR B 56 13.98 -6.18 17.97
CA THR B 56 13.96 -6.04 19.42
C THR B 56 13.90 -4.55 19.77
N GLY B 57 13.17 -4.25 20.85
CA GLY B 57 12.93 -2.88 21.29
C GLY B 57 12.28 -2.00 20.22
N VAL B 58 11.36 -2.59 19.43
CA VAL B 58 10.64 -1.89 18.39
C VAL B 58 9.18 -1.81 18.81
N PRO B 59 8.56 -0.60 18.90
CA PRO B 59 7.18 -0.45 19.35
C PRO B 59 6.21 -1.40 18.65
N SER B 60 5.28 -1.98 19.41
CA SER B 60 4.39 -3.01 18.89
C SER B 60 3.32 -2.42 17.96
N ARG B 61 3.18 -1.08 17.94
CA ARG B 61 2.33 -0.43 16.96
C ARG B 61 2.84 -0.66 15.54
N PHE B 62 4.16 -0.81 15.37
CA PHE B 62 4.75 -1.21 14.09
C PHE B 62 4.48 -2.68 13.82
N SER B 63 3.99 -2.99 12.62
CA SER B 63 3.84 -4.36 12.16
C SER B 63 3.98 -4.43 10.64
N GLY B 64 4.13 -5.66 10.14
CA GLY B 64 4.26 -5.92 8.72
C GLY B 64 3.68 -7.28 8.36
N SER B 65 3.26 -7.41 7.10
CA SER B 65 2.74 -8.67 6.57
C SER B 65 2.83 -8.66 5.05
N GLY B 66 2.66 -9.85 4.45
CA GLY B 66 2.70 -10.01 3.02
C GLY B 66 3.58 -11.18 2.63
N SER B 67 3.38 -11.67 1.40
CA SER B 67 4.21 -12.73 0.85
C SER B 67 4.15 -12.69 -0.68
N GLY B 68 5.15 -13.29 -1.33
CA GLY B 68 5.22 -13.36 -2.77
C GLY B 68 5.53 -12.01 -3.41
N THR B 69 4.48 -11.23 -3.68
CA THR B 69 4.59 -9.99 -4.43
C THR B 69 4.05 -8.80 -3.66
N ASP B 70 2.98 -8.97 -2.84
CA ASP B 70 2.29 -7.84 -2.25
C ASP B 70 2.52 -7.86 -0.74
N PHE B 71 3.05 -6.72 -0.23
CA PHE B 71 3.52 -6.58 1.13
C PHE B 71 3.04 -5.26 1.74
N THR B 72 2.88 -5.22 3.07
CA THR B 72 2.44 -4.03 3.77
C THR B 72 3.27 -3.79 5.03
N PHE B 73 3.40 -2.51 5.40
CA PHE B 73 3.93 -2.06 6.68
C PHE B 73 2.87 -1.17 7.33
N THR B 74 2.65 -1.33 8.63
CA THR B 74 1.54 -0.66 9.30
C THR B 74 1.97 -0.12 10.65
N ILE B 75 1.64 1.15 10.91
CA ILE B 75 1.75 1.78 12.22
C ILE B 75 0.35 1.88 12.79
N SER B 76 0.12 1.25 13.95
CA SER B 76 -1.21 1.12 14.52
C SER B 76 -1.79 2.50 14.81
N SER B 77 -1.08 3.28 15.65
CA SER B 77 -1.43 4.66 15.94
C SER B 77 -0.19 5.54 15.78
N LEU B 78 -0.15 6.28 14.67
CA LEU B 78 0.98 7.14 14.34
C LEU B 78 1.25 8.10 15.49
N GLN B 79 2.53 8.19 15.91
CA GLN B 79 2.97 9.09 16.95
C GLN B 79 3.91 10.14 16.36
N PRO B 80 4.08 11.32 17.01
CA PRO B 80 4.94 12.40 16.49
C PRO B 80 6.39 12.02 16.17
N GLU B 81 6.94 11.05 16.95
CA GLU B 81 8.32 10.60 16.80
C GLU B 81 8.49 9.66 15.60
N ASP B 82 7.37 9.17 15.03
CA ASP B 82 7.41 8.25 13.90
C ASP B 82 7.57 8.99 12.56
N ILE B 83 7.79 10.30 12.59
CA ILE B 83 8.09 11.08 11.39
C ILE B 83 9.43 10.59 10.83
N ALA B 84 9.40 10.06 9.61
CA ALA B 84 10.58 9.47 8.95
C ALA B 84 10.21 9.09 7.52
N THR B 85 11.21 8.62 6.78
CA THR B 85 10.99 7.96 5.49
C THR B 85 11.22 6.46 5.68
N TYR B 86 10.25 5.65 5.24
CA TYR B 86 10.27 4.20 5.43
C TYR B 86 10.61 3.54 4.10
N TYR B 87 11.56 2.60 4.12
CA TYR B 87 11.96 1.85 2.93
C TYR B 87 11.65 0.38 3.10
N CYS B 88 11.33 -0.31 1.98
CA CYS B 88 11.28 -1.76 1.91
C CYS B 88 12.50 -2.25 1.14
N GLN B 89 12.96 -3.46 1.46
CA GLN B 89 14.20 -3.99 0.92
C GLN B 89 14.04 -5.49 0.72
N GLN B 90 14.30 -5.98 -0.50
CA GLN B 90 14.15 -7.40 -0.79
C GLN B 90 15.44 -8.12 -0.42
N ALA B 91 15.32 -9.34 0.14
CA ALA B 91 16.45 -10.12 0.62
C ALA B 91 16.51 -11.46 -0.11
N ASP B 92 16.60 -11.42 -1.45
CA ASP B 92 16.55 -12.60 -2.29
C ASP B 92 17.85 -13.37 -2.17
N PHE B 93 17.89 -14.59 -2.74
CA PHE B 93 19.11 -15.38 -2.80
C PHE B 93 20.20 -14.64 -3.57
N VAL B 94 19.87 -14.04 -4.73
CA VAL B 94 20.88 -13.56 -5.67
C VAL B 94 21.20 -12.09 -5.40
N PRO B 95 22.43 -11.63 -5.74
CA PRO B 95 23.02 -10.40 -5.19
C PRO B 95 22.31 -9.06 -5.30
N PRO B 96 21.69 -8.64 -6.43
CA PRO B 96 21.20 -7.26 -6.55
C PRO B 96 20.11 -6.92 -5.54
N TRP B 97 20.50 -6.47 -4.34
CA TRP B 97 19.58 -6.23 -3.23
C TRP B 97 19.08 -4.78 -3.26
N THR B 98 17.82 -4.64 -3.69
CA THR B 98 17.23 -3.36 -4.07
C THR B 98 16.31 -2.87 -2.96
N PHE B 99 15.99 -1.57 -3.00
CA PHE B 99 15.16 -0.92 -2.01
C PHE B 99 13.94 -0.29 -2.68
N GLY B 100 12.98 0.17 -1.86
CA GLY B 100 11.68 0.61 -2.34
C GLY B 100 11.73 1.91 -3.13
N GLY B 101 12.32 2.97 -2.56
CA GLY B 101 12.16 4.32 -3.06
C GLY B 101 11.57 5.22 -1.98
N GLY B 102 10.74 4.64 -1.13
CA GLY B 102 10.50 5.17 0.21
C GLY B 102 9.19 5.93 0.32
N THR B 103 8.64 5.94 1.54
CA THR B 103 7.40 6.64 1.88
C THR B 103 7.70 7.64 2.98
N LYS B 104 7.62 8.94 2.67
CA LYS B 104 7.83 10.00 3.65
C LYS B 104 6.55 10.15 4.47
N VAL B 105 6.69 10.05 5.80
CA VAL B 105 5.57 10.17 6.72
C VAL B 105 5.71 11.49 7.47
N GLU B 106 4.84 12.45 7.12
CA GLU B 106 4.65 13.67 7.89
C GLU B 106 3.31 13.59 8.63
N ILE B 107 3.18 14.36 9.72
CA ILE B 107 2.08 14.20 10.66
C ILE B 107 1.16 15.42 10.57
N LYS B 108 -0.16 15.19 10.65
CA LYS B 108 -1.17 16.22 10.56
C LYS B 108 -1.42 16.83 11.94
N ARG B 109 -1.48 18.16 12.00
CA ARG B 109 -1.50 18.93 13.23
C ARG B 109 -2.57 20.02 13.11
N THR B 110 -2.99 20.56 14.27
CA THR B 110 -3.74 21.80 14.32
C THR B 110 -2.87 22.94 13.76
N VAL B 111 -3.52 23.94 13.15
CA VAL B 111 -2.82 25.07 12.55
C VAL B 111 -2.11 25.86 13.63
N ALA B 112 -0.89 26.34 13.33
CA ALA B 112 -0.04 27.02 14.28
C ALA B 112 0.57 28.26 13.63
N ALA B 113 0.68 29.34 14.43
CA ALA B 113 1.10 30.64 13.94
C ALA B 113 2.62 30.72 13.94
N PRO B 114 3.28 31.17 12.83
CA PRO B 114 4.73 31.36 12.79
C PRO B 114 5.18 32.58 13.57
N SER B 115 6.00 32.36 14.62
CA SER B 115 6.66 33.44 15.34
C SER B 115 7.77 34.02 14.45
N VAL B 116 7.48 35.16 13.80
CA VAL B 116 8.34 35.70 12.75
C VAL B 116 9.44 36.55 13.40
N PHE B 117 10.65 36.50 12.83
CA PHE B 117 11.76 37.36 13.20
C PHE B 117 12.50 37.79 11.93
N ILE B 118 13.27 38.88 12.05
CA ILE B 118 14.14 39.37 10.98
C ILE B 118 15.45 39.84 11.59
N PHE B 119 16.55 39.69 10.83
CA PHE B 119 17.88 40.02 11.31
C PHE B 119 18.63 40.84 10.24
N PRO B 120 19.38 41.90 10.62
CA PRO B 120 20.18 42.67 9.65
C PRO B 120 21.45 41.94 9.23
N PRO B 121 22.18 42.43 8.20
CA PRO B 121 23.50 41.92 7.87
C PRO B 121 24.54 42.36 8.91
N SER B 122 25.56 41.52 9.14
CA SER B 122 26.59 41.81 10.13
C SER B 122 27.56 42.86 9.58
N ASP B 123 28.28 43.51 10.50
CA ASP B 123 29.32 44.48 10.16
C ASP B 123 30.51 43.76 9.52
N GLU B 124 30.87 42.59 10.08
CA GLU B 124 31.94 41.74 9.57
C GLU B 124 31.68 41.36 8.12
N GLN B 125 30.41 41.08 7.78
CA GLN B 125 30.01 40.71 6.44
C GLN B 125 30.05 41.92 5.50
N LEU B 126 29.65 43.10 6.01
CA LEU B 126 29.63 44.33 5.22
C LEU B 126 31.05 44.76 4.83
N LYS B 127 32.03 44.49 5.71
CA LYS B 127 33.45 44.71 5.40
C LYS B 127 33.87 43.84 4.22
N SER B 128 33.41 42.58 4.19
CA SER B 128 33.73 41.64 3.12
C SER B 128 33.13 42.11 1.79
N GLY B 129 31.90 42.65 1.84
CA GLY B 129 31.28 43.32 0.70
C GLY B 129 30.03 42.61 0.18
N THR B 130 29.16 42.19 1.10
CA THR B 130 27.88 41.55 0.79
C THR B 130 26.89 41.89 1.90
N ALA B 131 25.59 41.76 1.59
CA ALA B 131 24.52 42.04 2.53
C ALA B 131 23.45 40.96 2.46
N SER B 132 23.40 40.10 3.49
CA SER B 132 22.40 39.05 3.61
C SER B 132 21.44 39.37 4.76
N VAL B 133 20.13 39.18 4.51
CA VAL B 133 19.11 39.36 5.53
C VAL B 133 18.33 38.05 5.67
N VAL B 134 18.27 37.54 6.91
CA VAL B 134 17.54 36.33 7.25
C VAL B 134 16.19 36.71 7.84
N CYS B 135 15.11 36.25 7.22
CA CYS B 135 13.75 36.35 7.75
C CYS B 135 13.32 34.97 8.25
N LEU B 136 13.27 34.81 9.58
CA LEU B 136 12.90 33.55 10.23
C LEU B 136 11.38 33.46 10.41
N LEU B 137 10.84 32.25 10.24
CA LEU B 137 9.47 31.90 10.58
C LEU B 137 9.52 30.65 11.46
N ASN B 138 9.11 30.77 12.72
CA ASN B 138 9.51 29.80 13.73
C ASN B 138 8.30 29.01 14.23
N ASN B 139 8.38 27.67 14.12
CA ASN B 139 7.47 26.72 14.75
C ASN B 139 6.03 26.96 14.29
N PHE B 140 5.71 26.43 13.10
CA PHE B 140 4.40 26.63 12.49
C PHE B 140 3.91 25.37 11.78
N TYR B 141 2.61 25.36 11.44
CA TYR B 141 1.98 24.33 10.64
C TYR B 141 0.75 24.92 9.95
N PRO B 142 0.48 24.69 8.65
CA PRO B 142 1.22 23.75 7.80
C PRO B 142 2.51 24.31 7.21
N ARG B 143 3.22 23.44 6.46
CA ARG B 143 4.54 23.72 5.93
C ARG B 143 4.51 24.84 4.89
N GLU B 144 3.40 24.95 4.13
CA GLU B 144 3.31 25.89 3.02
C GLU B 144 3.20 27.32 3.57
N ALA B 145 3.82 28.27 2.85
CA ALA B 145 3.90 29.66 3.29
C ALA B 145 4.41 30.56 2.16
N LYS B 146 4.30 31.88 2.36
CA LYS B 146 4.81 32.88 1.44
C LYS B 146 5.54 33.97 2.22
N VAL B 147 6.81 34.20 1.87
CA VAL B 147 7.62 35.26 2.44
C VAL B 147 7.95 36.26 1.33
N GLN B 148 7.47 37.51 1.47
CA GLN B 148 7.68 38.56 0.50
C GLN B 148 8.78 39.50 0.99
N TRP B 149 9.93 39.51 0.28
CA TRP B 149 11.00 40.46 0.53
C TRP B 149 10.63 41.81 -0.10
N LYS B 150 10.72 42.89 0.70
CA LYS B 150 10.37 44.23 0.26
C LYS B 150 11.36 45.23 0.85
N VAL B 151 11.77 46.21 0.02
CA VAL B 151 12.71 47.24 0.41
C VAL B 151 12.13 48.60 0.00
N ASP B 152 11.63 49.35 1.00
CA ASP B 152 10.97 50.64 0.82
C ASP B 152 9.74 50.47 -0.09
N ASN B 153 8.95 49.40 0.17
CA ASN B 153 7.75 49.07 -0.59
C ASN B 153 8.10 48.85 -2.06
N ALA B 154 8.78 47.71 -2.33
CA ALA B 154 9.13 47.30 -3.68
C ALA B 154 9.42 45.80 -3.69
N LEU B 155 8.53 45.02 -4.32
CA LEU B 155 8.57 43.56 -4.25
C LEU B 155 9.82 43.05 -4.95
N GLN B 156 10.55 42.15 -4.28
CA GLN B 156 11.79 41.58 -4.79
C GLN B 156 11.48 40.33 -5.61
N SER B 157 12.34 40.05 -6.60
CA SER B 157 12.12 38.97 -7.57
C SER B 157 13.44 38.33 -7.95
N GLY B 158 13.57 37.02 -7.65
CA GLY B 158 14.67 36.20 -8.13
C GLY B 158 16.03 36.59 -7.53
N ASN B 159 16.03 37.00 -6.25
CA ASN B 159 17.25 37.40 -5.56
C ASN B 159 17.21 36.94 -4.11
N SER B 160 16.67 35.73 -3.87
CA SER B 160 16.68 35.11 -2.55
C SER B 160 16.54 33.59 -2.69
N GLN B 161 16.80 32.88 -1.58
CA GLN B 161 16.71 31.43 -1.50
C GLN B 161 16.12 31.04 -0.14
N GLU B 162 15.04 30.24 -0.18
CA GLU B 162 14.36 29.77 1.03
C GLU B 162 14.94 28.42 1.44
N SER B 163 14.69 28.05 2.71
CA SER B 163 15.17 26.79 3.27
C SER B 163 14.33 26.42 4.49
N VAL B 164 13.75 25.22 4.45
CA VAL B 164 12.74 24.82 5.42
C VAL B 164 13.19 23.52 6.07
N THR B 165 12.97 23.41 7.39
CA THR B 165 13.44 22.29 8.19
C THR B 165 12.52 21.08 8.00
N GLU B 166 12.98 19.94 8.50
CA GLU B 166 12.13 18.77 8.64
C GLU B 166 11.21 18.96 9.84
N GLN B 167 10.13 18.18 9.88
CA GLN B 167 9.11 18.32 10.90
C GLN B 167 9.66 17.87 12.25
N ASP B 168 9.24 18.56 13.32
CA ASP B 168 9.74 18.32 14.66
C ASP B 168 9.20 17.01 15.20
N SER B 169 9.97 16.38 16.09
CA SER B 169 9.68 15.05 16.61
C SER B 169 8.66 15.07 17.75
N LYS B 170 8.30 16.27 18.24
CA LYS B 170 7.47 16.42 19.44
C LYS B 170 6.25 17.28 19.13
N ASP B 171 6.47 18.55 18.74
CA ASP B 171 5.39 19.51 18.54
C ASP B 171 4.94 19.57 17.07
N SER B 172 5.58 18.79 16.19
CA SER B 172 5.13 18.57 14.82
C SER B 172 5.07 19.86 14.01
N THR B 173 6.01 20.78 14.27
CA THR B 173 6.08 22.07 13.60
C THR B 173 7.29 22.10 12.67
N TYR B 174 7.34 23.14 11.83
CA TYR B 174 8.47 23.40 10.95
C TYR B 174 9.08 24.77 11.28
N SER B 175 10.21 25.08 10.61
CA SER B 175 10.75 26.42 10.58
C SER B 175 11.24 26.73 9.16
N LEU B 176 11.16 28.01 8.76
CA LEU B 176 11.57 28.47 7.45
C LEU B 176 12.53 29.64 7.61
N SER B 177 13.56 29.70 6.75
CA SER B 177 14.49 30.82 6.70
C SER B 177 14.76 31.20 5.24
N SER B 178 14.71 32.50 4.94
CA SER B 178 14.85 33.04 3.60
C SER B 178 15.96 34.09 3.58
N THR B 179 16.84 34.02 2.57
CA THR B 179 18.08 34.79 2.54
C THR B 179 18.15 35.62 1.26
N LEU B 180 17.84 36.93 1.37
CA LEU B 180 18.00 37.86 0.27
C LEU B 180 19.46 38.35 0.26
N THR B 181 20.24 37.82 -0.69
CA THR B 181 21.67 38.09 -0.80
C THR B 181 21.91 39.21 -1.81
N LEU B 182 22.47 40.33 -1.35
CA LEU B 182 22.79 41.50 -2.17
C LEU B 182 24.24 41.90 -1.94
N SER B 183 24.77 42.74 -2.84
CA SER B 183 26.08 43.35 -2.66
C SER B 183 25.99 44.47 -1.62
N LYS B 184 27.15 44.99 -1.21
CA LYS B 184 27.25 46.08 -0.24
C LYS B 184 26.73 47.39 -0.85
N ALA B 185 26.92 47.55 -2.17
CA ALA B 185 26.53 48.75 -2.90
C ALA B 185 25.00 48.92 -2.88
N ASP B 186 24.29 47.88 -3.35
CA ASP B 186 22.85 47.92 -3.50
C ASP B 186 22.15 47.93 -2.14
N TYR B 187 22.81 47.40 -1.10
CA TYR B 187 22.28 47.42 0.26
C TYR B 187 22.15 48.86 0.77
N GLU B 188 23.22 49.66 0.60
CA GLU B 188 23.30 51.00 1.15
C GLU B 188 22.38 51.98 0.43
N LYS B 189 21.82 51.60 -0.73
CA LYS B 189 20.92 52.46 -1.49
C LYS B 189 19.64 52.71 -0.68
N HIS B 190 18.73 51.72 -0.64
CA HIS B 190 17.39 51.93 -0.14
C HIS B 190 17.36 51.76 1.38
N LYS B 191 16.33 52.33 2.02
CA LYS B 191 16.34 52.63 3.44
C LYS B 191 15.77 51.47 4.26
N VAL B 192 14.43 51.35 4.27
CA VAL B 192 13.74 50.46 5.19
C VAL B 192 13.76 49.03 4.64
N TYR B 193 13.73 48.05 5.55
CA TYR B 193 13.78 46.63 5.23
C TYR B 193 12.70 45.88 6.00
N ALA B 194 12.00 44.96 5.32
CA ALA B 194 10.95 44.16 5.93
C ALA B 194 10.66 42.91 5.09
N CYS B 195 10.20 41.85 5.76
CA CYS B 195 9.69 40.64 5.12
C CYS B 195 8.23 40.42 5.55
N GLU B 196 7.32 40.30 4.58
CA GLU B 196 5.90 40.15 4.84
C GLU B 196 5.51 38.67 4.71
N VAL B 197 4.87 38.14 5.75
CA VAL B 197 4.59 36.72 5.89
C VAL B 197 3.09 36.50 5.67
N THR B 198 2.74 35.47 4.88
CA THR B 198 1.36 35.03 4.73
C THR B 198 1.27 33.55 5.13
N HIS B 199 0.17 33.21 5.81
CA HIS B 199 -0.04 31.87 6.37
C HIS B 199 -1.52 31.67 6.68
N GLN B 200 -1.93 30.42 6.92
CA GLN B 200 -3.28 30.10 7.36
C GLN B 200 -3.49 30.54 8.81
N GLY B 201 -2.50 30.25 9.68
CA GLY B 201 -2.52 30.63 11.08
C GLY B 201 -2.59 32.15 11.31
N LEU B 202 -2.13 32.94 10.34
CA LEU B 202 -2.20 34.39 10.39
C LEU B 202 -3.23 34.89 9.38
N SER B 203 -4.37 35.38 9.88
CA SER B 203 -5.41 35.97 9.05
C SER B 203 -4.90 37.24 8.38
N SER B 204 -4.40 38.17 9.20
CA SER B 204 -3.74 39.38 8.72
C SER B 204 -2.26 39.10 8.51
N PRO B 205 -1.71 39.26 7.28
CA PRO B 205 -0.26 39.10 7.05
C PRO B 205 0.63 39.90 8.00
N VAL B 206 1.41 39.16 8.82
CA VAL B 206 2.32 39.74 9.80
C VAL B 206 3.62 40.15 9.08
N THR B 207 4.20 41.28 9.53
CA THR B 207 5.45 41.79 9.01
C THR B 207 6.36 42.17 10.18
N LYS B 208 7.66 41.96 9.99
CA LYS B 208 8.69 42.47 10.91
C LYS B 208 9.67 43.29 10.08
N SER B 209 10.34 44.26 10.72
CA SER B 209 11.13 45.25 10.02
C SER B 209 12.21 45.83 10.93
N PHE B 210 13.16 46.55 10.32
CA PHE B 210 14.12 47.39 11.02
C PHE B 210 14.46 48.59 10.14
N ASN B 211 14.46 49.79 10.73
CA ASN B 211 14.94 50.99 10.07
C ASN B 211 16.47 50.94 10.07
N ARG B 212 17.08 51.07 8.87
CA ARG B 212 18.52 50.94 8.73
C ARG B 212 19.22 52.10 9.43
N GLY B 213 20.36 51.80 10.07
CA GLY B 213 21.00 52.70 11.00
C GLY B 213 20.44 52.53 12.41
N GLU B 214 21.16 51.75 13.24
CA GLU B 214 20.76 51.50 14.62
C GLU B 214 21.99 51.07 15.42
N PHE C 1 13.01 -26.76 -17.03
CA PHE C 1 13.97 -27.53 -16.18
C PHE C 1 13.32 -27.86 -14.83
N LYS C 2 13.74 -28.99 -14.24
CA LYS C 2 13.21 -29.45 -12.97
C LYS C 2 14.33 -30.09 -12.16
N VAL C 3 14.12 -30.17 -10.84
CA VAL C 3 15.03 -30.84 -9.92
C VAL C 3 14.34 -32.09 -9.38
N ALA C 4 15.05 -33.22 -9.44
CA ALA C 4 14.58 -34.49 -8.92
C ALA C 4 15.33 -34.82 -7.63
N THR C 5 14.60 -35.37 -6.66
CA THR C 5 15.15 -35.78 -5.38
C THR C 5 15.08 -37.31 -5.30
N PRO C 6 16.17 -38.06 -5.58
CA PRO C 6 16.13 -39.51 -5.58
C PRO C 6 15.81 -40.15 -4.23
N TYR C 7 16.32 -39.57 -3.14
CA TYR C 7 16.10 -40.09 -1.79
C TYR C 7 15.41 -39.02 -0.94
N SER C 8 14.38 -39.44 -0.20
CA SER C 8 13.53 -38.54 0.59
C SER C 8 14.04 -38.42 2.02
N LEU C 9 14.68 -39.47 2.54
CA LEU C 9 15.16 -39.53 3.91
C LEU C 9 16.57 -40.12 3.93
N TYR C 10 17.46 -39.50 4.73
CA TYR C 10 18.80 -40.01 5.00
C TYR C 10 18.91 -40.32 6.49
N VAL C 11 19.33 -41.55 6.82
CA VAL C 11 19.50 -41.95 8.21
C VAL C 11 20.98 -42.31 8.40
N CYS C 12 21.65 -41.64 9.34
CA CYS C 12 23.08 -41.81 9.56
C CYS C 12 23.41 -41.85 11.05
N PRO C 13 24.49 -42.55 11.47
CA PRO C 13 25.03 -42.42 12.83
C PRO C 13 26.01 -41.25 12.94
N GLU C 14 26.30 -40.83 14.18
CA GLU C 14 27.26 -39.77 14.44
C GLU C 14 28.65 -40.24 14.01
N GLY C 15 29.44 -39.34 13.41
CA GLY C 15 30.80 -39.63 13.00
C GLY C 15 30.92 -39.99 11.52
N GLN C 16 29.81 -40.34 10.86
CA GLN C 16 29.83 -40.72 9.46
C GLN C 16 29.98 -39.49 8.57
N ASN C 17 30.26 -39.74 7.28
CA ASN C 17 30.14 -38.76 6.22
C ASN C 17 28.93 -39.14 5.37
N VAL C 18 28.17 -38.14 4.93
CA VAL C 18 26.99 -38.35 4.09
C VAL C 18 26.96 -37.27 3.02
N THR C 19 26.46 -37.64 1.83
CA THR C 19 26.34 -36.75 0.69
C THR C 19 24.88 -36.70 0.25
N LEU C 20 24.25 -35.53 0.42
CA LEU C 20 22.90 -35.30 -0.07
C LEU C 20 22.97 -34.96 -1.56
N THR C 21 22.01 -35.46 -2.35
CA THR C 21 22.03 -35.33 -3.80
C THR C 21 20.69 -34.80 -4.32
N CYS C 22 20.76 -33.80 -5.20
CA CYS C 22 19.68 -33.42 -6.09
C CYS C 22 20.15 -33.60 -7.54
N ARG C 23 19.28 -34.12 -8.39
CA ARG C 23 19.59 -34.31 -9.81
C ARG C 23 18.84 -33.23 -10.59
N LEU C 24 19.60 -32.39 -11.29
CA LEU C 24 19.05 -31.34 -12.13
C LEU C 24 18.68 -31.97 -13.47
N LEU C 25 17.45 -32.52 -13.54
CA LEU C 25 16.99 -33.29 -14.69
C LEU C 25 16.58 -32.32 -15.78
N GLY C 26 17.21 -32.45 -16.97
CA GLY C 26 16.92 -31.62 -18.12
C GLY C 26 17.33 -30.17 -17.90
N PRO C 27 18.53 -29.72 -18.35
CA PRO C 27 19.02 -28.37 -18.04
C PRO C 27 18.19 -27.24 -18.65
N VAL C 28 17.63 -27.47 -19.84
CA VAL C 28 16.85 -26.48 -20.58
C VAL C 28 17.65 -25.18 -20.66
N ASP C 29 18.75 -25.26 -21.42
CA ASP C 29 19.59 -24.11 -21.74
C ASP C 29 19.62 -23.96 -23.26
N LYS C 30 18.78 -23.06 -23.79
CA LYS C 30 18.74 -22.72 -25.20
C LYS C 30 20.02 -21.96 -25.56
N GLY C 31 21.10 -22.72 -25.77
CA GLY C 31 22.44 -22.16 -25.87
C GLY C 31 22.93 -21.56 -24.55
N HIS C 32 24.03 -20.80 -24.65
CA HIS C 32 24.65 -20.14 -23.51
C HIS C 32 23.95 -18.79 -23.30
N ASP C 33 24.60 -17.91 -22.52
CA ASP C 33 24.04 -16.64 -22.05
C ASP C 33 23.11 -16.92 -20.86
N VAL C 34 23.50 -17.88 -20.02
CA VAL C 34 22.73 -18.30 -18.86
C VAL C 34 23.68 -18.86 -17.81
N THR C 35 23.51 -18.41 -16.56
CA THR C 35 24.24 -18.95 -15.42
C THR C 35 23.26 -19.46 -14.38
N PHE C 36 23.76 -20.28 -13.46
CA PHE C 36 22.95 -20.97 -12.47
C PHE C 36 23.53 -20.74 -11.07
N TYR C 37 22.78 -20.02 -10.23
CA TYR C 37 23.05 -19.96 -8.80
C TYR C 37 22.48 -21.22 -8.15
N LYS C 38 23.36 -22.04 -7.56
CA LYS C 38 22.97 -23.27 -6.89
C LYS C 38 23.45 -23.23 -5.44
N THR C 39 22.55 -23.56 -4.49
CA THR C 39 22.89 -23.52 -3.07
C THR C 39 22.06 -24.53 -2.28
N TRP C 40 22.52 -24.79 -1.04
CA TRP C 40 21.83 -25.63 -0.07
C TRP C 40 21.54 -24.83 1.20
N TYR C 41 20.49 -25.24 1.93
CA TYR C 41 20.13 -24.66 3.22
C TYR C 41 19.14 -25.58 3.92
N ARG C 42 18.89 -25.31 5.21
CA ARG C 42 17.88 -26.02 5.97
C ARG C 42 16.60 -25.20 6.05
N SER C 43 15.47 -25.89 6.21
CA SER C 43 14.16 -25.26 6.17
C SER C 43 13.18 -26.07 7.02
N SER C 44 11.87 -25.82 6.84
CA SER C 44 10.81 -26.55 7.52
C SER C 44 9.73 -26.96 6.52
N ARG C 45 8.88 -27.92 6.94
CA ARG C 45 7.65 -28.24 6.23
C ARG C 45 6.53 -27.33 6.77
N GLY C 46 6.52 -26.08 6.30
CA GLY C 46 5.61 -25.06 6.82
C GLY C 46 4.20 -25.23 6.25
N GLU C 47 3.28 -24.39 6.74
CA GLU C 47 1.89 -24.42 6.32
C GLU C 47 1.78 -23.96 4.87
N VAL C 48 2.31 -22.78 4.56
CA VAL C 48 2.09 -22.10 3.30
C VAL C 48 3.02 -22.69 2.23
N GLN C 49 4.35 -22.57 2.44
CA GLN C 49 5.35 -22.94 1.44
C GLN C 49 6.52 -23.67 2.11
N THR C 50 7.08 -24.65 1.38
CA THR C 50 8.22 -25.44 1.82
C THR C 50 9.49 -24.93 1.13
N CYS C 51 10.63 -25.04 1.84
CA CYS C 51 11.90 -24.44 1.48
C CYS C 51 11.77 -22.92 1.36
N SER C 52 10.89 -22.34 2.17
CA SER C 52 10.70 -20.90 2.21
C SER C 52 11.74 -20.28 3.14
N GLU C 53 11.71 -20.70 4.41
CA GLU C 53 12.63 -20.14 5.40
C GLU C 53 14.01 -20.76 5.17
N ARG C 54 15.03 -19.92 5.37
CA ARG C 54 16.41 -20.27 5.09
C ARG C 54 17.16 -20.28 6.42
N ARG C 55 17.48 -21.49 6.92
CA ARG C 55 18.29 -21.64 8.13
C ARG C 55 19.65 -22.19 7.73
N PRO C 56 20.72 -21.94 8.52
CA PRO C 56 22.08 -22.35 8.14
C PRO C 56 22.37 -23.83 8.38
N ILE C 57 23.43 -24.31 7.70
CA ILE C 57 23.97 -25.64 7.90
C ILE C 57 25.33 -25.49 8.59
N ARG C 58 25.40 -25.77 9.90
CA ARG C 58 26.61 -25.63 10.69
C ARG C 58 27.13 -24.19 10.64
N GLN C 59 26.23 -23.24 10.90
CA GLN C 59 26.56 -21.82 10.98
C GLN C 59 26.99 -21.24 9.62
N LEU C 60 26.66 -21.92 8.50
CA LEU C 60 26.90 -21.42 7.15
C LEU C 60 25.56 -21.23 6.44
N THR C 61 25.31 -20.00 5.96
CA THR C 61 24.09 -19.67 5.25
C THR C 61 24.16 -20.16 3.80
N PHE C 62 23.05 -19.97 3.08
CA PHE C 62 22.94 -20.25 1.66
C PHE C 62 24.02 -19.54 0.83
N GLN C 63 24.42 -18.32 1.23
CA GLN C 63 25.44 -17.57 0.50
C GLN C 63 26.81 -18.22 0.66
N ASP C 64 27.08 -18.80 1.83
CA ASP C 64 28.35 -19.45 2.09
C ASP C 64 28.49 -20.71 1.23
N LEU C 65 27.39 -21.41 1.00
CA LEU C 65 27.41 -22.71 0.33
C LEU C 65 27.08 -22.60 -1.16
N HIS C 66 26.97 -21.37 -1.69
CA HIS C 66 26.44 -21.17 -3.02
C HIS C 66 27.51 -21.50 -4.07
N LEU C 67 27.04 -21.87 -5.27
CA LEU C 67 27.86 -22.03 -6.47
C LEU C 67 27.23 -21.20 -7.58
N HIS C 68 28.04 -20.39 -8.27
CA HIS C 68 27.61 -19.63 -9.43
C HIS C 68 28.49 -20.04 -10.62
N HIS C 69 27.84 -20.48 -11.71
CA HIS C 69 28.55 -20.96 -12.89
C HIS C 69 27.59 -21.04 -14.08
N GLY C 70 28.14 -20.98 -15.29
CA GLY C 70 27.39 -21.24 -16.52
C GLY C 70 27.03 -22.72 -16.65
N GLY C 71 26.00 -23.01 -17.45
CA GLY C 71 25.46 -24.35 -17.60
C GLY C 71 26.50 -25.40 -18.00
N HIS C 72 27.45 -25.00 -18.86
CA HIS C 72 28.51 -25.86 -19.35
C HIS C 72 29.51 -26.26 -18.25
N GLN C 73 29.69 -25.39 -17.23
CA GLN C 73 30.73 -25.57 -16.23
C GLN C 73 30.29 -26.50 -15.12
N ALA C 74 31.30 -27.02 -14.39
CA ALA C 74 31.13 -27.61 -13.06
C ALA C 74 31.62 -26.58 -12.02
N ALA C 75 31.40 -26.88 -10.73
CA ALA C 75 31.79 -25.98 -9.66
C ALA C 75 31.90 -26.72 -8.32
N GLN C 76 32.73 -26.16 -7.42
CA GLN C 76 32.99 -26.71 -6.09
C GLN C 76 33.19 -25.57 -5.10
N THR C 77 32.89 -25.81 -3.81
CA THR C 77 33.23 -24.88 -2.75
C THR C 77 34.71 -25.03 -2.41
N SER C 78 35.29 -23.97 -1.84
CA SER C 78 36.72 -23.88 -1.57
C SER C 78 37.14 -24.86 -0.49
N HIS C 79 38.45 -25.18 -0.45
CA HIS C 79 39.00 -26.14 0.50
C HIS C 79 38.93 -25.62 1.94
N ASP C 80 38.91 -24.29 2.11
CA ASP C 80 38.79 -23.65 3.41
C ASP C 80 37.53 -24.12 4.15
N LEU C 81 36.39 -24.18 3.43
CA LEU C 81 35.14 -24.62 4.02
C LEU C 81 35.19 -26.09 4.40
N ALA C 82 35.69 -26.93 3.47
CA ALA C 82 35.80 -28.36 3.68
C ALA C 82 36.66 -28.68 4.92
N GLN C 83 37.79 -27.97 5.05
CA GLN C 83 38.71 -28.17 6.18
C GLN C 83 38.08 -27.68 7.48
N ARG C 84 37.55 -26.45 7.47
CA ARG C 84 37.03 -25.80 8.66
C ARG C 84 35.66 -26.36 9.04
N HIS C 85 34.66 -26.13 8.17
CA HIS C 85 33.26 -26.37 8.50
C HIS C 85 32.83 -27.81 8.24
N GLY C 86 33.55 -28.52 7.38
CA GLY C 86 33.25 -29.91 7.06
C GLY C 86 32.12 -30.04 6.04
N LEU C 87 31.94 -29.01 5.20
CA LEU C 87 30.91 -28.96 4.18
C LEU C 87 31.56 -28.79 2.81
N GLU C 88 31.10 -29.57 1.82
CA GLU C 88 31.56 -29.44 0.44
C GLU C 88 30.35 -29.55 -0.50
N SER C 89 29.89 -28.39 -1.02
CA SER C 89 28.90 -28.32 -2.07
C SER C 89 29.57 -28.53 -3.43
N ALA C 90 29.00 -29.42 -4.27
CA ALA C 90 29.60 -29.79 -5.54
C ALA C 90 28.51 -29.88 -6.62
N SER C 91 28.93 -29.66 -7.88
CA SER C 91 28.06 -29.62 -9.03
C SER C 91 28.85 -29.98 -10.29
N ASP C 92 28.45 -31.05 -10.99
CA ASP C 92 29.18 -31.52 -12.16
C ASP C 92 28.30 -31.37 -13.40
N HIS C 93 28.81 -31.85 -14.55
CA HIS C 93 28.17 -31.69 -15.85
C HIS C 93 26.95 -32.60 -15.98
N HIS C 94 26.97 -33.77 -15.31
CA HIS C 94 26.04 -34.85 -15.57
C HIS C 94 24.82 -34.76 -14.63
N GLY C 95 24.23 -33.56 -14.50
CA GLY C 95 23.00 -33.38 -13.73
C GLY C 95 23.23 -33.18 -12.23
N ASN C 96 24.27 -33.82 -11.65
CA ASN C 96 24.34 -34.04 -10.22
C ASN C 96 24.69 -32.75 -9.47
N PHE C 97 23.96 -32.53 -8.36
CA PHE C 97 24.18 -31.41 -7.46
C PHE C 97 24.10 -31.94 -6.03
N SER C 98 25.19 -31.76 -5.26
CA SER C 98 25.33 -32.42 -3.97
C SER C 98 25.93 -31.48 -2.92
N ILE C 99 25.73 -31.84 -1.64
CA ILE C 99 26.48 -31.31 -0.51
C ILE C 99 26.94 -32.47 0.36
N THR C 100 28.23 -32.43 0.76
CA THR C 100 28.87 -33.50 1.52
C THR C 100 29.22 -32.98 2.91
N MET C 101 28.96 -33.81 3.94
CA MET C 101 28.97 -33.38 5.33
C MET C 101 29.88 -34.30 6.14
N ARG C 102 30.98 -33.76 6.69
CA ARG C 102 32.01 -34.55 7.36
C ARG C 102 31.72 -34.61 8.86
N ASN C 103 31.92 -35.80 9.45
CA ASN C 103 31.84 -36.01 10.90
C ASN C 103 30.48 -35.55 11.40
N LEU C 104 29.44 -36.36 11.14
CA LEU C 104 28.07 -36.00 11.43
C LEU C 104 27.83 -35.90 12.93
N THR C 105 26.97 -34.95 13.31
CA THR C 105 26.53 -34.74 14.68
C THR C 105 25.01 -34.64 14.69
N LEU C 106 24.41 -34.70 15.89
CA LEU C 106 22.96 -34.64 16.06
C LEU C 106 22.40 -33.31 15.58
N LEU C 107 23.21 -32.23 15.65
CA LEU C 107 22.80 -30.91 15.22
C LEU C 107 22.59 -30.85 13.71
N ASP C 108 23.17 -31.79 12.95
CA ASP C 108 23.01 -31.82 11.49
C ASP C 108 21.62 -32.28 11.06
N SER C 109 20.89 -33.03 11.91
CA SER C 109 19.54 -33.48 11.58
C SER C 109 18.65 -32.31 11.19
N GLY C 110 17.77 -32.53 10.21
CA GLY C 110 16.84 -31.50 9.74
C GLY C 110 16.39 -31.72 8.31
N LEU C 111 15.63 -30.76 7.76
CA LEU C 111 15.14 -30.81 6.39
C LEU C 111 16.06 -29.96 5.53
N TYR C 112 16.66 -30.58 4.50
CA TYR C 112 17.64 -29.93 3.64
C TYR C 112 17.02 -29.63 2.28
N CYS C 113 17.27 -28.40 1.78
CA CYS C 113 16.76 -27.97 0.49
C CYS C 113 17.91 -27.62 -0.44
N CYS C 114 17.89 -28.19 -1.65
CA CYS C 114 18.72 -27.72 -2.76
C CYS C 114 17.93 -26.67 -3.55
N LEU C 115 18.61 -25.59 -3.98
CA LEU C 115 18.03 -24.59 -4.86
C LEU C 115 18.86 -24.51 -6.15
N VAL C 116 18.16 -24.32 -7.29
CA VAL C 116 18.79 -24.00 -8.56
C VAL C 116 18.04 -22.83 -9.17
N VAL C 117 18.77 -21.74 -9.47
CA VAL C 117 18.18 -20.51 -9.96
C VAL C 117 18.78 -20.21 -11.34
N GLU C 118 17.94 -20.23 -12.38
CA GLU C 118 18.36 -19.86 -13.73
C GLU C 118 18.47 -18.33 -13.80
N ILE C 119 19.66 -17.84 -14.18
CA ILE C 119 19.91 -16.42 -14.36
C ILE C 119 20.17 -16.15 -15.85
N ARG C 120 19.33 -15.31 -16.45
CA ARG C 120 19.31 -15.05 -17.88
C ARG C 120 18.66 -13.69 -18.11
N HIS C 121 19.14 -12.93 -19.10
CA HIS C 121 18.65 -11.59 -19.42
C HIS C 121 18.75 -10.65 -18.22
N HIS C 122 19.72 -10.89 -17.32
CA HIS C 122 19.82 -10.20 -16.03
C HIS C 122 18.55 -10.37 -15.18
N HIS C 123 17.98 -11.59 -15.21
CA HIS C 123 16.73 -11.91 -14.51
C HIS C 123 16.78 -13.35 -14.04
N SER C 124 16.11 -13.63 -12.90
CA SER C 124 16.23 -14.91 -12.22
C SER C 124 14.88 -15.35 -11.66
N GLU C 125 13.85 -15.38 -12.52
CA GLU C 125 12.50 -15.73 -12.12
C GLU C 125 12.33 -17.26 -12.09
N HIS C 126 13.04 -17.98 -12.97
CA HIS C 126 12.87 -19.40 -13.16
C HIS C 126 13.71 -20.15 -12.12
N ARG C 127 13.03 -20.72 -11.11
CA ARG C 127 13.66 -21.31 -9.94
C ARG C 127 12.95 -22.59 -9.53
N VAL C 128 13.73 -23.62 -9.14
CA VAL C 128 13.21 -24.88 -8.66
C VAL C 128 14.01 -25.32 -7.43
N HIS C 129 13.42 -26.23 -6.65
CA HIS C 129 14.05 -26.74 -5.44
C HIS C 129 13.61 -28.17 -5.14
N GLY C 130 14.41 -28.83 -4.29
CA GLY C 130 14.09 -30.13 -3.75
C GLY C 130 14.18 -30.12 -2.22
N ALA C 131 13.69 -31.20 -1.58
CA ALA C 131 13.70 -31.31 -0.13
C ALA C 131 13.91 -32.76 0.29
N MET C 132 14.60 -32.96 1.40
CA MET C 132 14.90 -34.28 1.92
C MET C 132 15.26 -34.15 3.39
N GLU C 133 14.89 -35.16 4.18
CA GLU C 133 15.21 -35.18 5.60
C GLU C 133 16.61 -35.79 5.80
N LEU C 134 17.30 -35.34 6.85
CA LEU C 134 18.43 -36.02 7.42
C LEU C 134 18.10 -36.32 8.88
N GLN C 135 18.38 -37.56 9.32
CA GLN C 135 18.21 -37.98 10.70
C GLN C 135 19.52 -38.58 11.19
N VAL C 136 20.23 -37.82 12.04
CA VAL C 136 21.41 -38.33 12.73
C VAL C 136 20.95 -38.94 14.05
N GLN C 137 21.30 -40.22 14.26
CA GLN C 137 20.90 -40.99 15.43
C GLN C 137 22.10 -41.22 16.34
N THR C 138 21.83 -41.79 17.52
CA THR C 138 22.87 -42.13 18.49
C THR C 138 22.54 -43.49 19.14
N GLY C 139 23.57 -44.10 19.74
CA GLY C 139 23.43 -45.31 20.53
C GLY C 139 23.71 -46.58 19.73
N LYS C 140 23.51 -47.73 20.37
CA LYS C 140 23.68 -49.04 19.76
C LYS C 140 22.55 -49.37 18.80
N ASP C 141 21.38 -48.71 18.98
CA ASP C 141 20.27 -48.81 18.05
C ASP C 141 20.60 -48.15 16.70
N ALA C 142 21.47 -47.13 16.70
CA ALA C 142 21.86 -46.43 15.50
C ALA C 142 22.63 -47.37 14.56
N PRO C 143 22.50 -47.21 13.21
CA PRO C 143 23.08 -48.17 12.27
C PRO C 143 24.59 -48.06 12.13
N SER C 144 25.20 -49.09 11.53
CA SER C 144 26.63 -49.13 11.27
C SER C 144 27.01 -48.06 10.24
N ASN C 145 26.19 -47.93 9.19
CA ASN C 145 26.46 -47.02 8.09
C ASN C 145 25.20 -46.23 7.77
N CYS C 146 25.36 -45.21 6.91
CA CYS C 146 24.27 -44.40 6.43
C CYS C 146 23.32 -45.22 5.57
N VAL C 147 22.04 -44.82 5.53
CA VAL C 147 20.99 -45.48 4.76
C VAL C 147 20.06 -44.43 4.17
N VAL C 148 19.73 -44.55 2.88
CA VAL C 148 18.86 -43.58 2.22
C VAL C 148 17.62 -44.31 1.69
N TYR C 149 16.47 -43.63 1.76
CA TYR C 149 15.18 -44.18 1.37
C TYR C 149 14.71 -43.50 0.07
N PRO C 150 14.39 -44.27 -1.00
CA PRO C 150 13.97 -43.67 -2.27
C PRO C 150 12.67 -42.86 -2.19
N SER C 151 12.55 -41.86 -3.07
CA SER C 151 11.36 -41.01 -3.15
C SER C 151 10.23 -41.74 -3.87
N SER C 152 9.00 -41.25 -3.64
CA SER C 152 7.79 -41.90 -4.14
C SER C 152 7.59 -41.60 -5.62
N GLU D 1 -28.30 -8.58 -23.90
CA GLU D 1 -27.37 -8.50 -22.74
C GLU D 1 -28.13 -8.69 -21.43
N VAL D 2 -27.36 -8.97 -20.36
CA VAL D 2 -27.90 -9.13 -19.02
C VAL D 2 -28.47 -7.79 -18.55
N GLN D 3 -29.61 -7.82 -17.85
CA GLN D 3 -30.25 -6.63 -17.33
C GLN D 3 -30.99 -6.96 -16.04
N LEU D 4 -30.92 -6.05 -15.06
CA LEU D 4 -31.52 -6.23 -13.74
C LEU D 4 -32.21 -4.93 -13.32
N VAL D 5 -33.52 -4.84 -13.55
CA VAL D 5 -34.28 -3.64 -13.25
C VAL D 5 -35.12 -3.89 -12.01
N GLU D 6 -34.89 -3.07 -10.98
CA GLU D 6 -35.44 -3.30 -9.66
C GLU D 6 -36.51 -2.25 -9.34
N SER D 7 -37.32 -2.53 -8.31
CA SER D 7 -38.41 -1.66 -7.91
C SER D 7 -38.89 -2.04 -6.50
N GLY D 8 -39.69 -1.14 -5.91
CA GLY D 8 -40.30 -1.36 -4.61
C GLY D 8 -39.88 -0.32 -3.57
N GLY D 9 -38.77 0.39 -3.81
CA GLY D 9 -38.21 1.29 -2.82
C GLY D 9 -39.03 2.57 -2.67
N GLY D 10 -38.89 3.22 -1.51
CA GLY D 10 -39.55 4.48 -1.23
C GLY D 10 -39.47 4.86 0.25
N LEU D 11 -40.29 5.82 0.66
CA LEU D 11 -40.42 6.22 2.05
C LEU D 11 -41.29 5.22 2.79
N VAL D 12 -40.93 4.94 4.05
CA VAL D 12 -41.68 4.04 4.91
C VAL D 12 -41.32 4.35 6.36
N GLN D 13 -42.30 4.22 7.25
CA GLN D 13 -42.15 4.67 8.62
C GLN D 13 -41.44 3.60 9.46
N PRO D 14 -40.75 3.99 10.57
CA PRO D 14 -40.15 3.03 11.49
C PRO D 14 -41.13 1.93 11.91
N GLY D 15 -40.68 0.67 11.77
CA GLY D 15 -41.50 -0.49 12.07
C GLY D 15 -42.29 -1.00 10.85
N GLY D 16 -42.25 -0.25 9.74
CA GLY D 16 -43.07 -0.55 8.58
C GLY D 16 -42.53 -1.70 7.74
N SER D 17 -43.29 -2.12 6.73
CA SER D 17 -42.89 -3.18 5.83
C SER D 17 -42.90 -2.69 4.38
N LEU D 18 -42.17 -3.44 3.53
CA LEU D 18 -41.96 -3.09 2.13
C LEU D 18 -41.35 -4.30 1.42
N ARG D 19 -41.62 -4.42 0.11
CA ARG D 19 -41.11 -5.51 -0.70
C ARG D 19 -40.38 -4.94 -1.91
N LEU D 20 -39.10 -5.32 -2.07
CA LEU D 20 -38.32 -5.00 -3.26
C LEU D 20 -38.49 -6.12 -4.28
N SER D 21 -38.39 -5.76 -5.57
CA SER D 21 -38.39 -6.71 -6.67
C SER D 21 -37.20 -6.43 -7.58
N CYS D 22 -36.68 -7.48 -8.22
CA CYS D 22 -35.56 -7.37 -9.16
C CYS D 22 -35.91 -8.21 -10.38
N ALA D 23 -36.11 -7.54 -11.52
CA ALA D 23 -36.58 -8.19 -12.74
C ALA D 23 -35.39 -8.52 -13.64
N ALA D 24 -35.16 -9.83 -13.87
CA ALA D 24 -34.01 -10.30 -14.59
C ALA D 24 -34.38 -10.62 -16.05
N SER D 25 -33.47 -10.33 -16.97
CA SER D 25 -33.66 -10.61 -18.39
C SER D 25 -32.32 -10.69 -19.12
N GLY D 26 -32.28 -11.45 -20.22
CA GLY D 26 -31.08 -11.63 -21.02
C GLY D 26 -30.16 -12.74 -20.50
N PHE D 27 -30.68 -13.60 -19.62
CA PHE D 27 -29.96 -14.78 -19.18
C PHE D 27 -30.95 -15.75 -18.50
N THR D 28 -30.57 -17.03 -18.47
CA THR D 28 -31.36 -18.06 -17.80
C THR D 28 -31.30 -17.84 -16.29
N PHE D 29 -32.25 -17.04 -15.76
CA PHE D 29 -32.31 -16.69 -14.35
C PHE D 29 -32.19 -17.93 -13.46
N ASP D 30 -32.77 -19.05 -13.90
CA ASP D 30 -32.74 -20.33 -13.20
C ASP D 30 -31.35 -20.75 -12.73
N ASP D 31 -30.31 -20.52 -13.55
CA ASP D 31 -29.00 -21.12 -13.37
C ASP D 31 -28.10 -20.40 -12.35
N TYR D 32 -28.43 -19.15 -11.97
CA TYR D 32 -27.46 -18.27 -11.30
C TYR D 32 -27.91 -17.86 -9.90
N SER D 33 -26.93 -17.73 -9.00
CA SER D 33 -27.16 -17.30 -7.63
C SER D 33 -27.24 -15.77 -7.59
N MET D 34 -28.08 -15.25 -6.68
CA MET D 34 -28.43 -13.83 -6.66
C MET D 34 -28.25 -13.29 -5.24
N ASN D 35 -27.72 -12.08 -5.13
CA ASN D 35 -27.47 -11.44 -3.85
C ASN D 35 -28.15 -10.07 -3.81
N TRP D 36 -28.44 -9.59 -2.59
CA TRP D 36 -28.82 -8.21 -2.35
C TRP D 36 -27.69 -7.50 -1.63
N VAL D 37 -27.40 -6.25 -2.04
CA VAL D 37 -26.36 -5.43 -1.46
C VAL D 37 -26.96 -4.04 -1.21
N ARG D 38 -26.81 -3.50 0.01
CA ARG D 38 -27.32 -2.18 0.33
C ARG D 38 -26.17 -1.19 0.51
N GLN D 39 -26.47 0.09 0.24
CA GLN D 39 -25.51 1.18 0.39
C GLN D 39 -26.22 2.40 0.99
N ALA D 40 -25.92 2.67 2.27
CA ALA D 40 -26.46 3.83 2.96
C ALA D 40 -25.90 5.12 2.34
N PRO D 41 -26.60 6.28 2.45
CA PRO D 41 -26.25 7.48 1.68
C PRO D 41 -24.81 7.92 1.93
N GLY D 42 -24.01 7.95 0.86
CA GLY D 42 -22.63 8.42 0.89
C GLY D 42 -21.70 7.52 1.71
N LYS D 43 -22.06 6.24 1.83
CA LYS D 43 -21.29 5.27 2.61
C LYS D 43 -20.99 4.06 1.72
N GLY D 44 -20.18 3.14 2.25
CA GLY D 44 -19.72 1.97 1.51
C GLY D 44 -20.80 0.91 1.38
N LEU D 45 -20.45 -0.18 0.68
CA LEU D 45 -21.37 -1.27 0.38
C LEU D 45 -21.54 -2.17 1.61
N GLU D 46 -22.77 -2.65 1.82
CA GLU D 46 -23.08 -3.66 2.82
C GLU D 46 -23.85 -4.78 2.13
N TRP D 47 -23.34 -6.01 2.23
CA TRP D 47 -24.07 -7.20 1.78
C TRP D 47 -25.24 -7.43 2.72
N VAL D 48 -26.35 -7.94 2.17
CA VAL D 48 -27.59 -8.13 2.90
C VAL D 48 -27.96 -9.61 2.95
N SER D 49 -28.06 -10.27 1.78
CA SER D 49 -28.60 -11.61 1.72
C SER D 49 -28.12 -12.33 0.46
N TYR D 50 -28.09 -13.67 0.53
CA TYR D 50 -27.70 -14.53 -0.58
C TYR D 50 -28.85 -15.48 -0.89
N ILE D 51 -28.94 -15.93 -2.15
CA ILE D 51 -29.96 -16.89 -2.56
C ILE D 51 -29.36 -17.80 -3.64
N SER D 52 -29.51 -19.11 -3.46
CA SER D 52 -29.03 -20.11 -4.41
C SER D 52 -29.84 -20.03 -5.70
N SER D 53 -29.37 -20.74 -6.73
CA SER D 53 -30.04 -20.78 -8.02
C SER D 53 -31.40 -21.48 -7.92
N ASP D 54 -31.45 -22.60 -7.19
CA ASP D 54 -32.67 -23.36 -6.93
C ASP D 54 -33.26 -23.02 -5.55
N ALA D 55 -32.65 -22.06 -4.84
CA ALA D 55 -33.24 -21.40 -3.68
C ALA D 55 -33.33 -22.31 -2.46
N ASP D 56 -32.46 -23.33 -2.39
CA ASP D 56 -32.46 -24.24 -1.25
C ASP D 56 -31.62 -23.65 -0.12
N THR D 57 -30.47 -23.02 -0.46
CA THR D 57 -29.56 -22.43 0.53
C THR D 57 -29.64 -20.91 0.45
N ILE D 58 -29.73 -20.28 1.64
CA ILE D 58 -30.00 -18.86 1.81
C ILE D 58 -29.21 -18.36 3.02
N TYR D 59 -28.60 -17.17 2.89
CA TYR D 59 -27.89 -16.54 4.00
C TYR D 59 -28.42 -15.12 4.20
N TYR D 60 -28.25 -14.60 5.42
CA TYR D 60 -28.57 -13.22 5.76
C TYR D 60 -27.46 -12.63 6.63
N ALA D 61 -27.23 -11.33 6.48
CA ALA D 61 -26.40 -10.58 7.42
C ALA D 61 -27.10 -10.55 8.77
N ASP D 62 -26.32 -10.55 9.85
CA ASP D 62 -26.85 -10.65 11.20
C ASP D 62 -27.65 -9.39 11.57
N SER D 63 -27.29 -8.24 10.98
CA SER D 63 -27.96 -6.98 11.25
C SER D 63 -29.42 -6.99 10.77
N VAL D 64 -29.75 -7.85 9.79
CA VAL D 64 -31.07 -7.91 9.21
C VAL D 64 -31.77 -9.24 9.48
N LYS D 65 -31.12 -10.15 10.23
CA LYS D 65 -31.57 -11.54 10.32
C LYS D 65 -32.91 -11.59 11.05
N GLY D 66 -33.87 -12.36 10.49
CA GLY D 66 -35.20 -12.54 11.05
C GLY D 66 -36.25 -11.61 10.42
N ARG D 67 -35.83 -10.37 10.11
CA ARG D 67 -36.71 -9.30 9.67
C ARG D 67 -36.85 -9.31 8.14
N PHE D 68 -35.71 -9.35 7.45
CA PHE D 68 -35.66 -9.38 6.00
C PHE D 68 -35.72 -10.82 5.51
N THR D 69 -36.41 -11.05 4.39
CA THR D 69 -36.63 -12.40 3.87
C THR D 69 -36.45 -12.38 2.35
N ILE D 70 -35.56 -13.26 1.86
CA ILE D 70 -35.21 -13.33 0.44
C ILE D 70 -36.00 -14.47 -0.20
N SER D 71 -36.29 -14.32 -1.51
CA SER D 71 -36.97 -15.33 -2.30
C SER D 71 -36.80 -15.04 -3.79
N ARG D 72 -37.20 -16.01 -4.63
CA ARG D 72 -37.12 -15.86 -6.08
C ARG D 72 -38.17 -16.72 -6.77
N ASP D 73 -38.60 -16.27 -7.96
CA ASP D 73 -39.54 -16.99 -8.81
C ASP D 73 -38.85 -17.26 -10.15
N ASN D 74 -38.37 -18.50 -10.33
CA ASN D 74 -37.59 -18.88 -11.51
C ASN D 74 -38.46 -18.89 -12.77
N ALA D 75 -39.77 -19.12 -12.61
CA ALA D 75 -40.72 -19.02 -13.70
C ALA D 75 -40.89 -17.58 -14.18
N LYS D 76 -40.80 -16.62 -13.25
CA LYS D 76 -41.05 -15.21 -13.52
C LYS D 76 -39.76 -14.42 -13.74
N ASN D 77 -38.59 -15.07 -13.67
CA ASN D 77 -37.29 -14.41 -13.73
C ASN D 77 -37.25 -13.24 -12.76
N SER D 78 -37.53 -13.52 -11.48
CA SER D 78 -37.73 -12.48 -10.48
C SER D 78 -37.10 -12.86 -9.14
N LEU D 79 -36.55 -11.83 -8.46
CA LEU D 79 -35.96 -11.94 -7.14
C LEU D 79 -36.63 -10.90 -6.24
N TYR D 80 -36.87 -11.24 -4.96
CA TYR D 80 -37.63 -10.41 -4.04
C TYR D 80 -36.85 -10.24 -2.73
N LEU D 81 -37.21 -9.21 -1.96
CA LEU D 81 -36.72 -9.02 -0.60
C LEU D 81 -37.81 -8.37 0.24
N GLN D 82 -38.53 -9.20 1.00
CA GLN D 82 -39.47 -8.72 2.00
C GLN D 82 -38.68 -8.11 3.16
N MET D 83 -39.13 -6.93 3.62
CA MET D 83 -38.41 -6.15 4.61
C MET D 83 -39.40 -5.71 5.69
N ASN D 84 -39.17 -6.17 6.94
CA ASN D 84 -40.13 -5.97 8.02
C ASN D 84 -39.43 -5.31 9.21
N SER D 85 -40.22 -4.58 10.01
CA SER D 85 -39.76 -3.92 11.22
C SER D 85 -38.56 -3.01 10.92
N LEU D 86 -38.70 -2.18 9.88
CA LEU D 86 -37.60 -1.42 9.32
C LEU D 86 -37.17 -0.30 10.27
N ARG D 87 -35.86 -0.06 10.32
CA ARG D 87 -35.22 0.83 11.27
C ARG D 87 -34.58 1.97 10.49
N ALA D 88 -34.09 2.99 11.23
CA ALA D 88 -33.48 4.17 10.63
C ALA D 88 -32.28 3.77 9.76
N GLU D 89 -31.45 2.85 10.27
CA GLU D 89 -30.19 2.47 9.63
C GLU D 89 -30.41 1.67 8.34
N ASP D 90 -31.64 1.16 8.11
CA ASP D 90 -31.96 0.41 6.90
C ASP D 90 -32.15 1.32 5.69
N THR D 91 -32.16 2.65 5.91
CA THR D 91 -32.10 3.64 4.85
C THR D 91 -30.89 3.39 3.95
N ALA D 92 -31.13 2.98 2.70
CA ALA D 92 -30.06 2.65 1.77
C ALA D 92 -30.61 2.45 0.35
N VAL D 93 -29.69 2.50 -0.63
CA VAL D 93 -29.96 2.01 -1.97
C VAL D 93 -29.75 0.49 -1.96
N TYR D 94 -30.70 -0.27 -2.49
CA TYR D 94 -30.65 -1.72 -2.48
C TYR D 94 -30.42 -2.25 -3.90
N TYR D 95 -29.26 -2.85 -4.14
CA TYR D 95 -28.92 -3.46 -5.41
C TYR D 95 -29.12 -4.97 -5.34
N CYS D 96 -29.85 -5.54 -6.30
CA CYS D 96 -29.74 -6.96 -6.59
C CYS D 96 -28.52 -7.14 -7.48
N ALA D 97 -27.84 -8.30 -7.35
CA ALA D 97 -26.61 -8.58 -8.08
C ALA D 97 -26.51 -10.07 -8.39
N ARG D 98 -26.14 -10.40 -9.65
CA ARG D 98 -25.98 -11.77 -10.08
C ARG D 98 -24.50 -12.17 -9.96
N GLU D 99 -24.26 -13.34 -9.37
CA GLU D 99 -22.92 -13.92 -9.38
C GLU D 99 -22.65 -14.48 -10.78
N ALA D 100 -21.57 -14.01 -11.42
CA ALA D 100 -21.12 -14.56 -12.69
C ALA D 100 -20.88 -16.06 -12.51
N GLY D 101 -21.58 -16.89 -13.29
CA GLY D 101 -21.50 -18.34 -13.14
C GLY D 101 -20.46 -18.95 -14.07
N GLY D 102 -20.94 -19.59 -15.14
CA GLY D 102 -20.06 -20.15 -16.16
C GLY D 102 -19.33 -21.41 -15.71
N VAL D 103 -18.45 -21.91 -16.57
CA VAL D 103 -17.80 -23.20 -16.39
C VAL D 103 -16.73 -23.11 -15.29
N LEU D 104 -16.20 -21.90 -15.03
CA LEU D 104 -15.24 -21.67 -13.96
C LEU D 104 -15.91 -21.69 -12.59
N GLY D 105 -17.24 -21.52 -12.54
CA GLY D 105 -17.97 -21.52 -11.28
C GLY D 105 -17.61 -20.30 -10.45
N ARG D 106 -17.61 -19.13 -11.10
CA ARG D 106 -17.23 -17.87 -10.46
C ARG D 106 -18.32 -17.47 -9.45
N VAL D 107 -17.96 -16.54 -8.56
CA VAL D 107 -18.81 -16.12 -7.46
C VAL D 107 -18.88 -14.59 -7.38
N ASP D 108 -18.13 -13.89 -8.24
CA ASP D 108 -18.07 -12.42 -8.20
C ASP D 108 -19.33 -11.82 -8.78
N PHE D 109 -19.69 -10.64 -8.27
CA PHE D 109 -20.91 -9.93 -8.66
C PHE D 109 -20.61 -9.10 -9.91
N GLN D 110 -20.73 -9.70 -11.10
CA GLN D 110 -20.35 -8.98 -12.32
C GLN D 110 -21.51 -8.12 -12.80
N HIS D 111 -22.75 -8.55 -12.54
CA HIS D 111 -23.94 -7.81 -12.94
C HIS D 111 -24.67 -7.28 -11.71
N TRP D 112 -24.78 -5.94 -11.63
CA TRP D 112 -25.58 -5.24 -10.64
C TRP D 112 -26.73 -4.54 -11.36
N GLY D 113 -27.84 -4.33 -10.65
CA GLY D 113 -28.90 -3.45 -11.12
C GLY D 113 -28.59 -1.99 -10.78
N GLN D 114 -29.59 -1.12 -11.01
CA GLN D 114 -29.42 0.33 -10.90
C GLN D 114 -29.73 0.80 -9.48
N GLY D 115 -30.22 -0.10 -8.61
CA GLY D 115 -30.55 0.22 -7.24
C GLY D 115 -32.04 0.57 -7.08
N THR D 116 -32.45 0.74 -5.82
CA THR D 116 -33.76 1.29 -5.48
C THR D 116 -33.65 1.91 -4.08
N LEU D 117 -33.90 3.22 -3.98
CA LEU D 117 -33.66 3.95 -2.75
C LEU D 117 -34.78 3.65 -1.75
N VAL D 118 -34.37 3.30 -0.53
CA VAL D 118 -35.26 3.14 0.61
C VAL D 118 -34.89 4.23 1.62
N THR D 119 -35.88 5.05 2.00
CA THR D 119 -35.75 5.97 3.11
C THR D 119 -36.65 5.49 4.24
N VAL D 120 -36.16 5.53 5.49
CA VAL D 120 -36.91 5.14 6.66
C VAL D 120 -37.05 6.35 7.57
N SER D 121 -38.26 6.90 7.65
CA SER D 121 -38.53 8.16 8.34
C SER D 121 -40.04 8.30 8.56
N SER D 122 -40.40 8.87 9.72
CA SER D 122 -41.79 9.16 10.06
C SER D 122 -42.26 10.47 9.43
N ALA D 123 -41.31 11.31 8.96
CA ALA D 123 -41.65 12.59 8.33
C ALA D 123 -42.38 12.36 7.00
N SER D 124 -43.09 13.40 6.54
CA SER D 124 -44.08 13.27 5.48
C SER D 124 -43.49 13.54 4.11
N THR D 125 -44.11 12.93 3.09
CA THR D 125 -43.79 13.19 1.69
C THR D 125 -44.15 14.63 1.35
N LYS D 126 -43.38 15.24 0.43
CA LYS D 126 -43.71 16.55 -0.09
C LYS D 126 -43.02 16.76 -1.44
N GLY D 127 -43.79 17.24 -2.44
CA GLY D 127 -43.25 17.58 -3.74
C GLY D 127 -42.50 18.92 -3.73
N PRO D 128 -41.68 19.20 -4.75
CA PRO D 128 -40.88 20.44 -4.80
C PRO D 128 -41.62 21.68 -5.29
N SER D 129 -40.91 22.81 -5.30
CA SER D 129 -41.38 24.07 -5.85
C SER D 129 -40.28 24.64 -6.76
N VAL D 130 -40.47 24.48 -8.08
CA VAL D 130 -39.43 24.80 -9.05
C VAL D 130 -39.43 26.29 -9.33
N PHE D 131 -38.28 26.95 -9.15
CA PHE D 131 -38.13 28.38 -9.32
C PHE D 131 -36.99 28.66 -10.31
N PRO D 132 -37.19 29.50 -11.35
CA PRO D 132 -36.17 29.72 -12.37
C PRO D 132 -34.99 30.56 -11.88
N LEU D 133 -33.84 30.38 -12.55
CA LEU D 133 -32.68 31.23 -12.38
C LEU D 133 -32.34 31.83 -13.75
N ALA D 134 -32.91 33.02 -14.01
CA ALA D 134 -32.73 33.72 -15.28
C ALA D 134 -31.32 34.32 -15.36
N PRO D 135 -30.71 34.41 -16.57
CA PRO D 135 -29.31 34.79 -16.71
C PRO D 135 -29.06 36.29 -16.48
N THR D 144 -21.11 33.65 -23.44
CA THR D 144 -21.11 32.73 -22.28
C THR D 144 -22.26 33.11 -21.33
N ALA D 145 -23.36 32.34 -21.40
CA ALA D 145 -24.52 32.55 -20.55
C ALA D 145 -24.74 31.33 -19.67
N ALA D 146 -25.41 31.54 -18.53
CA ALA D 146 -25.66 30.51 -17.54
C ALA D 146 -27.05 30.70 -16.94
N LEU D 147 -27.82 29.60 -16.88
CA LEU D 147 -29.19 29.62 -16.38
C LEU D 147 -29.48 28.31 -15.67
N GLY D 148 -30.58 28.27 -14.91
CA GLY D 148 -30.93 27.08 -14.14
C GLY D 148 -32.33 27.12 -13.53
N CYS D 149 -32.67 26.03 -12.83
CA CYS D 149 -33.85 25.91 -11.98
C CYS D 149 -33.41 25.71 -10.54
N LEU D 150 -34.32 26.01 -9.59
CA LEU D 150 -34.08 25.83 -8.16
C LEU D 150 -35.20 24.97 -7.59
N VAL D 151 -34.96 23.66 -7.51
CA VAL D 151 -35.95 22.71 -7.00
C VAL D 151 -35.86 22.72 -5.47
N LYS D 152 -36.86 23.34 -4.83
CA LYS D 152 -36.77 23.71 -3.42
C LYS D 152 -37.89 23.05 -2.61
N ASP D 153 -37.52 22.59 -1.39
CA ASP D 153 -38.43 22.07 -0.38
C ASP D 153 -39.18 20.84 -0.91
N TYR D 154 -38.52 19.68 -0.82
CA TYR D 154 -39.14 18.39 -1.13
C TYR D 154 -38.59 17.32 -0.19
N PHE D 155 -39.34 16.20 -0.10
CA PHE D 155 -38.96 15.05 0.69
C PHE D 155 -39.77 13.85 0.22
N PRO D 156 -39.21 12.61 0.09
CA PRO D 156 -37.77 12.34 0.22
C PRO D 156 -37.02 12.58 -1.09
N GLU D 157 -35.78 12.10 -1.15
CA GLU D 157 -35.09 11.88 -2.42
C GLU D 157 -35.71 10.66 -3.12
N PRO D 158 -35.54 10.47 -4.45
CA PRO D 158 -34.83 11.38 -5.35
C PRO D 158 -35.73 12.25 -6.24
N VAL D 159 -35.11 13.24 -6.89
CA VAL D 159 -35.70 13.96 -8.02
C VAL D 159 -34.82 13.69 -9.24
N THR D 160 -35.43 13.75 -10.44
CA THR D 160 -34.72 13.64 -11.69
C THR D 160 -35.03 14.86 -12.55
N VAL D 161 -33.97 15.54 -13.00
CA VAL D 161 -34.06 16.82 -13.69
C VAL D 161 -33.30 16.70 -15.00
N SER D 162 -34.02 16.88 -16.13
CA SER D 162 -33.42 16.97 -17.45
C SER D 162 -33.69 18.34 -18.06
N TRP D 163 -33.03 18.63 -19.18
CA TRP D 163 -33.19 19.88 -19.91
C TRP D 163 -33.63 19.58 -21.35
N ASN D 164 -34.73 20.23 -21.77
CA ASN D 164 -35.31 20.08 -23.10
C ASN D 164 -35.61 18.61 -23.38
N SER D 165 -36.24 17.96 -22.40
CA SER D 165 -36.66 16.56 -22.47
C SER D 165 -35.48 15.62 -22.75
N GLY D 166 -34.32 15.93 -22.16
CA GLY D 166 -33.13 15.09 -22.25
C GLY D 166 -32.20 15.43 -23.42
N ALA D 167 -32.62 16.36 -24.30
CA ALA D 167 -31.87 16.67 -25.50
C ALA D 167 -30.64 17.53 -25.19
N LEU D 168 -30.71 18.33 -24.12
CA LEU D 168 -29.58 19.13 -23.67
C LEU D 168 -28.89 18.44 -22.50
N THR D 169 -27.80 17.73 -22.80
CA THR D 169 -26.98 17.02 -21.82
C THR D 169 -25.70 17.81 -21.51
N SER D 170 -25.09 18.39 -22.56
CA SER D 170 -23.83 19.09 -22.44
C SER D 170 -23.98 20.38 -21.63
N GLY D 171 -23.00 20.64 -20.75
CA GLY D 171 -22.92 21.88 -19.99
C GLY D 171 -23.62 21.82 -18.63
N VAL D 172 -24.41 20.76 -18.39
CA VAL D 172 -25.37 20.72 -17.30
C VAL D 172 -24.65 20.36 -16.00
N HIS D 173 -25.05 20.99 -14.89
CA HIS D 173 -24.59 20.65 -13.56
C HIS D 173 -25.79 20.60 -12.60
N THR D 174 -26.41 19.42 -12.49
CA THR D 174 -27.39 19.15 -11.46
C THR D 174 -26.67 18.86 -10.14
N PHE D 175 -26.84 19.74 -9.15
CA PHE D 175 -26.13 19.64 -7.88
C PHE D 175 -26.81 18.61 -6.98
N PRO D 176 -26.07 17.99 -6.02
CA PRO D 176 -26.68 17.04 -5.09
C PRO D 176 -27.64 17.72 -4.11
N ALA D 177 -28.66 16.96 -3.68
CA ALA D 177 -29.67 17.47 -2.76
C ALA D 177 -29.03 17.81 -1.42
N VAL D 178 -29.52 18.89 -0.80
CA VAL D 178 -29.00 19.40 0.45
C VAL D 178 -30.16 19.49 1.45
N LEU D 179 -30.01 18.79 2.57
CA LEU D 179 -30.96 18.89 3.68
C LEU D 179 -30.83 20.27 4.33
N GLN D 180 -31.96 20.78 4.85
CA GLN D 180 -32.04 22.13 5.39
C GLN D 180 -32.40 22.06 6.88
N SER D 181 -32.41 23.24 7.53
CA SER D 181 -32.87 23.38 8.90
C SER D 181 -34.37 23.13 9.02
N SER D 182 -35.10 23.28 7.89
CA SER D 182 -36.48 22.83 7.79
C SER D 182 -36.57 21.32 7.94
N GLY D 183 -35.60 20.59 7.36
CA GLY D 183 -35.62 19.14 7.26
C GLY D 183 -36.14 18.67 5.91
N LEU D 184 -36.13 19.57 4.91
CA LEU D 184 -36.51 19.29 3.53
C LEU D 184 -35.28 19.45 2.64
N TYR D 185 -35.27 18.74 1.50
CA TYR D 185 -34.16 18.79 0.56
C TYR D 185 -34.33 19.96 -0.40
N SER D 186 -33.19 20.40 -0.97
CA SER D 186 -33.15 21.43 -2.00
C SER D 186 -31.92 21.23 -2.88
N LEU D 187 -32.07 21.45 -4.20
CA LEU D 187 -30.94 21.51 -5.11
C LEU D 187 -31.18 22.60 -6.15
N SER D 188 -30.13 22.86 -6.92
CA SER D 188 -30.20 23.66 -8.13
C SER D 188 -29.66 22.82 -9.29
N SER D 189 -30.26 23.01 -10.48
CA SER D 189 -29.76 22.43 -11.71
C SER D 189 -29.47 23.55 -12.69
N VAL D 190 -28.22 23.65 -13.16
CA VAL D 190 -27.78 24.74 -14.00
C VAL D 190 -27.22 24.17 -15.31
N VAL D 191 -26.98 25.07 -16.27
CA VAL D 191 -26.41 24.70 -17.56
C VAL D 191 -25.82 25.96 -18.20
N THR D 192 -24.65 25.80 -18.85
CA THR D 192 -23.99 26.85 -19.60
C THR D 192 -24.42 26.78 -21.06
N VAL D 193 -24.72 27.96 -21.65
CA VAL D 193 -25.16 28.07 -23.03
C VAL D 193 -24.53 29.32 -23.63
N PRO D 194 -24.46 29.45 -24.98
CA PRO D 194 -23.95 30.68 -25.62
C PRO D 194 -24.87 31.89 -25.40
N SER D 195 -24.26 33.08 -25.32
CA SER D 195 -24.99 34.33 -25.20
C SER D 195 -25.76 34.65 -26.49
N SER D 196 -25.26 34.15 -27.63
CA SER D 196 -25.92 34.31 -28.92
C SER D 196 -27.27 33.59 -28.96
N SER D 197 -27.39 32.46 -28.24
CA SER D 197 -28.60 31.63 -28.26
C SER D 197 -29.73 32.25 -27.43
N LEU D 198 -29.40 33.10 -26.45
CA LEU D 198 -30.38 33.70 -25.54
C LEU D 198 -31.26 34.73 -26.31
N GLN D 201 -32.51 29.09 -28.87
CA GLN D 201 -33.34 27.91 -28.47
C GLN D 201 -33.97 28.16 -27.10
N THR D 202 -35.19 27.65 -26.91
CA THR D 202 -35.93 27.79 -25.66
C THR D 202 -35.52 26.67 -24.69
N TYR D 203 -35.31 27.04 -23.42
CA TYR D 203 -34.74 26.14 -22.42
C TYR D 203 -35.79 25.81 -21.36
N ILE D 204 -36.05 24.50 -21.17
CA ILE D 204 -37.05 24.01 -20.23
C ILE D 204 -36.42 22.89 -19.39
N CYS D 205 -36.42 23.07 -18.06
CA CYS D 205 -35.99 22.02 -17.13
C CYS D 205 -37.19 21.19 -16.71
N ASN D 206 -37.04 19.86 -16.75
CA ASN D 206 -38.13 18.91 -16.61
C ASN D 206 -37.96 18.16 -15.28
N VAL D 207 -38.49 18.75 -14.20
CA VAL D 207 -38.37 18.19 -12.87
C VAL D 207 -39.38 17.06 -12.71
N ASN D 208 -39.04 16.08 -11.87
CA ASN D 208 -39.89 14.92 -11.59
C ASN D 208 -39.62 14.48 -10.16
N HIS D 209 -40.69 14.06 -9.45
CA HIS D 209 -40.59 13.61 -8.07
C HIS D 209 -41.59 12.46 -7.86
N LYS D 210 -41.13 11.23 -8.13
CA LYS D 210 -41.99 10.06 -8.17
C LYS D 210 -42.65 9.77 -6.81
N PRO D 211 -42.02 10.05 -5.64
CA PRO D 211 -42.71 9.91 -4.36
C PRO D 211 -44.03 10.66 -4.22
N SER D 212 -44.12 11.89 -4.76
CA SER D 212 -45.34 12.69 -4.72
C SER D 212 -45.98 12.87 -6.10
N ASN D 213 -45.43 12.19 -7.12
CA ASN D 213 -45.97 12.18 -8.48
C ASN D 213 -45.96 13.59 -9.09
N THR D 214 -44.94 14.40 -8.74
CA THR D 214 -44.89 15.80 -9.13
C THR D 214 -43.96 15.96 -10.34
N LYS D 215 -44.49 15.68 -11.53
CA LYS D 215 -43.82 16.00 -12.79
C LYS D 215 -44.12 17.46 -13.13
N VAL D 216 -43.07 18.24 -13.45
CA VAL D 216 -43.18 19.66 -13.74
C VAL D 216 -42.20 20.03 -14.85
N ASP D 217 -42.66 20.86 -15.80
CA ASP D 217 -41.80 21.56 -16.73
C ASP D 217 -41.81 23.04 -16.34
N LYS D 218 -40.73 23.75 -16.70
CA LYS D 218 -40.61 25.17 -16.41
C LYS D 218 -39.60 25.81 -17.35
N LYS D 219 -40.09 26.69 -18.24
CA LYS D 219 -39.23 27.46 -19.13
C LYS D 219 -38.49 28.52 -18.30
N VAL D 220 -37.25 28.84 -18.71
CA VAL D 220 -36.43 29.84 -18.04
C VAL D 220 -35.88 30.80 -19.10
N GLU D 221 -36.36 32.04 -19.08
CA GLU D 221 -35.99 33.07 -20.06
C GLU D 221 -35.46 34.30 -19.33
N PRO D 222 -34.79 35.26 -20.02
CA PRO D 222 -34.36 36.53 -19.40
C PRO D 222 -35.49 37.35 -18.79
N LYS D 223 -35.22 37.93 -17.60
CA LYS D 223 -36.24 38.62 -16.82
C LYS D 223 -35.64 39.89 -16.20
N ASP E 1 -15.84 -13.64 11.18
CA ASP E 1 -16.30 -12.72 10.11
C ASP E 1 -15.14 -11.82 9.71
N ILE E 2 -14.83 -11.78 8.41
CA ILE E 2 -13.59 -11.22 7.91
C ILE E 2 -13.74 -9.71 7.75
N GLN E 3 -12.88 -8.95 8.44
CA GLN E 3 -12.77 -7.51 8.25
C GLN E 3 -11.74 -7.23 7.15
N LEU E 4 -12.10 -6.34 6.22
CA LEU E 4 -11.21 -5.86 5.18
C LEU E 4 -10.92 -4.37 5.44
N THR E 5 -9.66 -4.06 5.76
CA THR E 5 -9.26 -2.66 5.85
C THR E 5 -8.64 -2.26 4.51
N GLN E 6 -9.19 -1.21 3.91
CA GLN E 6 -8.76 -0.74 2.60
C GLN E 6 -8.07 0.62 2.76
N SER E 7 -6.91 0.77 2.09
CA SER E 7 -6.03 1.90 2.30
C SER E 7 -5.49 2.40 0.96
N PRO E 8 -5.45 3.73 0.68
CA PRO E 8 -5.99 4.78 1.55
C PRO E 8 -7.48 5.01 1.30
N SER E 9 -8.14 5.70 2.24
CA SER E 9 -9.56 6.02 2.13
C SER E 9 -9.80 7.06 1.03
N SER E 10 -8.85 7.99 0.86
CA SER E 10 -8.90 9.02 -0.16
C SER E 10 -7.56 9.11 -0.88
N LEU E 11 -7.57 9.65 -2.10
CA LEU E 11 -6.43 9.56 -2.99
C LEU E 11 -6.57 10.59 -4.10
N SER E 12 -5.42 11.20 -4.46
CA SER E 12 -5.34 12.23 -5.50
C SER E 12 -4.06 12.03 -6.31
N ALA E 13 -4.18 11.92 -7.63
CA ALA E 13 -3.06 11.61 -8.50
C ALA E 13 -3.29 12.18 -9.89
N SER E 14 -2.19 12.58 -10.56
CA SER E 14 -2.27 13.26 -11.85
C SER E 14 -2.58 12.26 -12.97
N VAL E 15 -2.99 12.81 -14.12
CA VAL E 15 -3.36 12.00 -15.27
C VAL E 15 -2.08 11.36 -15.80
N GLY E 16 -2.03 10.01 -15.79
CA GLY E 16 -0.88 9.26 -16.25
C GLY E 16 -0.14 8.54 -15.11
N ASP E 17 -0.29 9.03 -13.88
CA ASP E 17 0.41 8.47 -12.73
C ASP E 17 -0.08 7.05 -12.44
N ARG E 18 0.84 6.20 -11.97
N ARG E 18 0.84 6.22 -11.94
CA ARG E 18 0.48 4.93 -11.35
CA ARG E 18 0.53 4.96 -11.31
C ARG E 18 -0.30 5.23 -10.08
C ARG E 18 -0.30 5.24 -10.06
N VAL E 19 -1.33 4.40 -9.83
CA VAL E 19 -2.16 4.49 -8.63
C VAL E 19 -2.31 3.07 -8.09
N THR E 20 -2.06 2.90 -6.78
CA THR E 20 -2.14 1.60 -6.11
C THR E 20 -3.03 1.71 -4.88
N ILE E 21 -4.04 0.82 -4.80
CA ILE E 21 -4.92 0.70 -3.65
C ILE E 21 -4.59 -0.64 -2.97
N THR E 22 -4.75 -0.66 -1.64
CA THR E 22 -4.37 -1.80 -0.82
C THR E 22 -5.59 -2.25 0.00
N CYS E 23 -5.75 -3.57 0.12
CA CYS E 23 -6.80 -4.19 0.93
C CYS E 23 -6.14 -5.24 1.82
N GLN E 24 -6.41 -5.16 3.14
CA GLN E 24 -5.83 -6.07 4.12
C GLN E 24 -6.93 -6.89 4.75
N ALA E 25 -6.86 -8.21 4.58
CA ALA E 25 -7.86 -9.12 5.12
C ALA E 25 -7.44 -9.61 6.50
N SER E 26 -8.40 -9.67 7.44
CA SER E 26 -8.15 -10.08 8.82
C SER E 26 -7.87 -11.58 8.93
N GLN E 27 -8.22 -12.35 7.90
CA GLN E 27 -7.89 -13.77 7.81
C GLN E 27 -7.30 -14.05 6.43
N ASP E 28 -6.65 -15.21 6.31
CA ASP E 28 -6.26 -15.77 5.02
C ASP E 28 -7.54 -15.92 4.20
N ILE E 29 -7.61 -15.23 3.04
CA ILE E 29 -8.70 -15.39 2.08
C ILE E 29 -8.15 -15.87 0.74
N SER E 30 -6.92 -16.41 0.72
CA SER E 30 -6.31 -16.98 -0.47
C SER E 30 -6.40 -16.01 -1.66
N ASN E 31 -7.10 -16.40 -2.74
CA ASN E 31 -7.29 -15.58 -3.93
C ASN E 31 -8.58 -14.77 -3.89
N TYR E 32 -9.42 -14.99 -2.87
CA TYR E 32 -10.86 -14.78 -3.00
C TYR E 32 -11.20 -13.32 -2.75
N LEU E 33 -10.74 -12.44 -3.64
CA LEU E 33 -10.78 -10.99 -3.45
C LEU E 33 -11.16 -10.34 -4.77
N ASN E 34 -12.32 -9.66 -4.80
CA ASN E 34 -12.83 -9.01 -5.99
C ASN E 34 -12.76 -7.50 -5.81
N TRP E 35 -12.57 -6.78 -6.93
CA TRP E 35 -12.40 -5.33 -6.93
C TRP E 35 -13.46 -4.70 -7.83
N TYR E 36 -14.25 -3.78 -7.25
CA TYR E 36 -15.32 -3.09 -7.95
C TYR E 36 -14.98 -1.61 -8.11
N GLN E 37 -15.65 -0.97 -9.08
CA GLN E 37 -15.60 0.46 -9.31
C GLN E 37 -17.02 1.02 -9.23
N GLN E 38 -17.21 2.09 -8.45
CA GLN E 38 -18.48 2.80 -8.42
C GLN E 38 -18.24 4.26 -8.80
N LYS E 39 -18.61 4.59 -10.06
CA LYS E 39 -18.65 5.98 -10.50
C LYS E 39 -19.87 6.65 -9.89
N PRO E 40 -19.83 7.99 -9.61
CA PRO E 40 -20.88 8.64 -8.82
C PRO E 40 -22.22 8.62 -9.54
N GLY E 41 -23.26 8.14 -8.85
CA GLY E 41 -24.59 7.98 -9.41
C GLY E 41 -24.88 6.55 -9.89
N LYS E 42 -23.87 5.91 -10.50
CA LYS E 42 -23.99 4.58 -11.06
C LYS E 42 -23.88 3.52 -9.95
N ALA E 43 -24.24 2.29 -10.30
CA ALA E 43 -24.03 1.14 -9.43
C ALA E 43 -22.59 0.67 -9.56
N PRO E 44 -22.08 -0.18 -8.63
CA PRO E 44 -20.75 -0.76 -8.76
C PRO E 44 -20.59 -1.62 -10.02
N LYS E 45 -19.35 -1.70 -10.50
CA LYS E 45 -18.99 -2.51 -11.65
C LYS E 45 -17.73 -3.30 -11.32
N LEU E 46 -17.78 -4.62 -11.51
CA LEU E 46 -16.62 -5.48 -11.34
C LEU E 46 -15.56 -5.12 -12.39
N LEU E 47 -14.31 -4.94 -11.91
CA LEU E 47 -13.14 -4.83 -12.76
C LEU E 47 -12.29 -6.10 -12.66
N ILE E 48 -11.98 -6.53 -11.42
CA ILE E 48 -11.09 -7.67 -11.20
C ILE E 48 -11.81 -8.70 -10.33
N TYR E 49 -11.59 -9.99 -10.63
CA TYR E 49 -12.10 -11.08 -9.81
C TYR E 49 -10.98 -12.04 -9.44
N ASP E 50 -11.11 -12.65 -8.26
CA ASP E 50 -10.12 -13.58 -7.73
C ASP E 50 -8.73 -12.96 -7.85
N ALA E 51 -8.57 -11.75 -7.27
CA ALA E 51 -7.28 -11.11 -7.01
C ALA E 51 -6.70 -10.44 -8.26
N SER E 52 -6.55 -11.21 -9.36
CA SER E 52 -5.76 -10.77 -10.50
C SER E 52 -6.44 -10.96 -11.86
N ASN E 53 -7.64 -11.55 -11.92
CA ASN E 53 -8.30 -11.81 -13.18
C ASN E 53 -9.17 -10.61 -13.56
N LEU E 54 -8.91 -10.00 -14.73
CA LEU E 54 -9.73 -8.89 -15.22
C LEU E 54 -11.04 -9.45 -15.77
N GLY E 55 -12.13 -8.71 -15.56
CA GLY E 55 -13.38 -8.94 -16.27
C GLY E 55 -13.28 -8.41 -17.71
N THR E 56 -14.24 -8.81 -18.56
CA THR E 56 -14.23 -8.48 -19.98
C THR E 56 -14.63 -7.03 -20.18
N GLY E 57 -14.07 -6.41 -21.23
CA GLY E 57 -14.28 -4.99 -21.51
C GLY E 57 -13.80 -4.08 -20.38
N VAL E 58 -12.70 -4.48 -19.71
CA VAL E 58 -12.06 -3.67 -18.69
C VAL E 58 -10.64 -3.37 -19.18
N PRO E 59 -10.25 -2.08 -19.33
CA PRO E 59 -8.90 -1.71 -19.80
C PRO E 59 -7.76 -2.45 -19.09
N SER E 60 -6.69 -2.77 -19.85
CA SER E 60 -5.57 -3.51 -19.30
C SER E 60 -4.70 -2.65 -18.39
N ARG E 61 -4.95 -1.32 -18.32
CA ARG E 61 -4.31 -0.48 -17.33
C ARG E 61 -4.72 -0.89 -15.91
N PHE E 62 -5.94 -1.42 -15.76
CA PHE E 62 -6.41 -1.95 -14.49
C PHE E 62 -5.74 -3.29 -14.23
N SER E 63 -5.29 -3.48 -12.98
CA SER E 63 -4.43 -4.58 -12.59
C SER E 63 -4.68 -4.92 -11.12
N GLY E 64 -4.44 -6.19 -10.76
CA GLY E 64 -4.61 -6.65 -9.39
C GLY E 64 -3.68 -7.82 -9.08
N SER E 65 -3.24 -7.89 -7.82
CA SER E 65 -2.30 -8.89 -7.35
C SER E 65 -2.36 -8.96 -5.84
N GLY E 66 -1.95 -10.11 -5.27
CA GLY E 66 -2.00 -10.34 -3.84
C GLY E 66 -2.49 -11.75 -3.51
N SER E 67 -2.18 -12.19 -2.28
CA SER E 67 -2.64 -13.46 -1.77
C SER E 67 -2.67 -13.42 -0.25
N GLY E 68 -3.49 -14.30 0.35
CA GLY E 68 -3.54 -14.47 1.79
C GLY E 68 -4.25 -13.32 2.49
N THR E 69 -3.50 -12.27 2.84
CA THR E 69 -4.03 -11.15 3.60
C THR E 69 -3.60 -9.78 3.09
N ASP E 70 -2.67 -9.71 2.11
CA ASP E 70 -2.25 -8.44 1.56
C ASP E 70 -2.48 -8.46 0.06
N PHE E 71 -3.28 -7.49 -0.41
CA PHE E 71 -3.81 -7.44 -1.76
C PHE E 71 -3.70 -6.01 -2.30
N THR E 72 -3.61 -5.89 -3.63
CA THR E 72 -3.34 -4.63 -4.31
C THR E 72 -4.19 -4.50 -5.56
N PHE E 73 -4.61 -3.26 -5.84
CA PHE E 73 -5.28 -2.88 -7.08
C PHE E 73 -4.50 -1.72 -7.69
N THR E 74 -4.29 -1.75 -9.00
CA THR E 74 -3.39 -0.81 -9.65
C THR E 74 -3.99 -0.32 -10.96
N ILE E 75 -3.90 1.01 -11.17
CA ILE E 75 -4.20 1.63 -12.46
C ILE E 75 -2.86 2.11 -13.03
N SER E 76 -2.51 1.61 -14.24
CA SER E 76 -1.23 1.89 -14.86
C SER E 76 -1.06 3.40 -15.05
N SER E 77 -1.96 3.99 -15.83
CA SER E 77 -1.95 5.41 -16.15
C SER E 77 -3.33 5.99 -15.90
N LEU E 78 -3.46 6.75 -14.81
CA LEU E 78 -4.75 7.29 -14.38
C LEU E 78 -5.34 8.12 -15.51
N GLN E 79 -6.61 7.87 -15.85
CA GLN E 79 -7.33 8.63 -16.87
C GLN E 79 -8.44 9.42 -16.19
N PRO E 80 -8.91 10.54 -16.80
CA PRO E 80 -9.94 11.39 -16.18
C PRO E 80 -11.26 10.68 -15.87
N GLU E 81 -11.60 9.68 -16.69
CA GLU E 81 -12.81 8.89 -16.59
C GLU E 81 -12.74 7.86 -15.45
N ASP E 82 -11.54 7.61 -14.90
CA ASP E 82 -11.36 6.65 -13.82
C ASP E 82 -11.65 7.25 -12.44
N ILE E 83 -12.27 8.46 -12.39
CA ILE E 83 -12.76 9.02 -11.14
C ILE E 83 -13.89 8.11 -10.63
N ALA E 84 -13.70 7.53 -9.43
CA ALA E 84 -14.68 6.67 -8.80
C ALA E 84 -14.28 6.38 -7.36
N THR E 85 -15.14 5.62 -6.65
CA THR E 85 -14.78 4.97 -5.40
C THR E 85 -14.57 3.49 -5.68
N TYR E 86 -13.42 2.95 -5.25
CA TYR E 86 -13.04 1.57 -5.53
C TYR E 86 -13.15 0.77 -4.25
N TYR E 87 -13.82 -0.39 -4.32
CA TYR E 87 -14.07 -1.25 -3.17
C TYR E 87 -13.40 -2.61 -3.41
N CYS E 88 -12.97 -3.25 -2.31
CA CYS E 88 -12.52 -4.64 -2.32
C CYS E 88 -13.58 -5.48 -1.61
N GLN E 89 -13.69 -6.76 -1.99
CA GLN E 89 -14.72 -7.63 -1.46
C GLN E 89 -14.16 -9.06 -1.35
N GLN E 90 -14.26 -9.64 -0.16
CA GLN E 90 -13.80 -11.00 0.10
C GLN E 90 -14.88 -11.97 -0.33
N ALA E 91 -14.48 -13.11 -0.93
CA ALA E 91 -15.40 -14.14 -1.41
C ALA E 91 -15.07 -15.48 -0.75
N ASP E 92 -15.18 -15.50 0.58
CA ASP E 92 -14.84 -16.66 1.40
C ASP E 92 -15.91 -17.75 1.21
N PHE E 93 -15.65 -18.94 1.73
CA PHE E 93 -16.63 -20.01 1.75
C PHE E 93 -17.86 -19.60 2.57
N VAL E 94 -17.63 -18.99 3.75
CA VAL E 94 -18.68 -18.81 4.75
C VAL E 94 -19.36 -17.44 4.59
N PRO E 95 -20.64 -17.32 5.00
CA PRO E 95 -21.55 -16.31 4.45
C PRO E 95 -21.22 -14.82 4.55
N PRO E 96 -20.76 -14.25 5.70
CA PRO E 96 -20.73 -12.79 5.85
C PRO E 96 -19.71 -12.15 4.90
N TRP E 97 -20.17 -11.80 3.69
CA TRP E 97 -19.33 -11.30 2.62
C TRP E 97 -19.20 -9.77 2.70
N THR E 98 -18.01 -9.33 3.12
CA THR E 98 -17.75 -7.98 3.56
C THR E 98 -16.99 -7.23 2.48
N PHE E 99 -16.96 -5.90 2.62
CA PHE E 99 -16.38 -4.99 1.64
C PHE E 99 -15.32 -4.11 2.30
N GLY E 100 -14.58 -3.39 1.47
CA GLY E 100 -13.41 -2.64 1.89
C GLY E 100 -13.74 -1.44 2.78
N GLY E 101 -14.60 -0.55 2.30
CA GLY E 101 -14.77 0.77 2.90
C GLY E 101 -14.46 1.87 1.90
N GLY E 102 -13.51 1.59 1.00
CA GLY E 102 -13.45 2.23 -0.30
C GLY E 102 -12.39 3.32 -0.37
N THR E 103 -11.85 3.50 -1.59
CA THR E 103 -10.86 4.51 -1.89
C THR E 103 -11.42 5.46 -2.94
N LYS E 104 -11.63 6.74 -2.54
CA LYS E 104 -12.04 7.78 -3.47
C LYS E 104 -10.83 8.17 -4.33
N VAL E 105 -10.97 8.09 -5.65
CA VAL E 105 -9.92 8.43 -6.59
C VAL E 105 -10.31 9.71 -7.32
N GLU E 106 -9.61 10.81 -7.02
CA GLU E 106 -9.79 12.08 -7.68
C GLU E 106 -8.53 12.41 -8.49
N ILE E 107 -8.70 13.22 -9.54
CA ILE E 107 -7.63 13.57 -10.46
C ILE E 107 -6.95 14.86 -9.96
N LYS E 108 -5.62 14.90 -10.09
CA LYS E 108 -4.86 16.13 -9.94
C LYS E 108 -4.71 16.77 -11.32
N ARG E 109 -4.97 18.09 -11.38
CA ARG E 109 -5.10 18.82 -12.62
C ARG E 109 -4.38 20.17 -12.50
N THR E 110 -4.15 20.84 -13.63
CA THR E 110 -3.79 22.25 -13.64
C THR E 110 -4.92 23.07 -13.03
N VAL E 111 -4.56 24.19 -12.39
CA VAL E 111 -5.50 25.07 -11.72
C VAL E 111 -6.44 25.68 -12.75
N ALA E 112 -7.72 25.84 -12.37
CA ALA E 112 -8.74 26.38 -13.25
C ALA E 112 -9.46 27.52 -12.54
N ALA E 113 -9.77 28.58 -13.31
CA ALA E 113 -10.47 29.75 -12.79
C ALA E 113 -11.97 29.49 -12.79
N PRO E 114 -12.71 29.74 -11.68
CA PRO E 114 -14.16 29.56 -11.64
C PRO E 114 -14.91 30.67 -12.38
N SER E 115 -15.63 30.30 -13.45
CA SER E 115 -16.52 31.21 -14.14
C SER E 115 -17.77 31.44 -13.27
N VAL E 116 -17.80 32.59 -12.58
CA VAL E 116 -18.78 32.86 -11.54
C VAL E 116 -20.06 33.39 -12.18
N PHE E 117 -21.21 33.03 -11.59
CA PHE E 117 -22.50 33.62 -11.91
C PHE E 117 -23.28 33.85 -10.63
N ILE E 118 -24.28 34.73 -10.69
CA ILE E 118 -25.15 35.04 -9.55
C ILE E 118 -26.57 35.26 -10.08
N PHE E 119 -27.57 34.86 -9.27
CA PHE E 119 -28.96 34.89 -9.68
C PHE E 119 -29.82 35.47 -8.56
N PRO E 120 -30.80 36.36 -8.87
CA PRO E 120 -31.77 36.84 -7.86
C PRO E 120 -32.82 35.79 -7.52
N PRO E 121 -33.68 36.01 -6.49
CA PRO E 121 -34.84 35.15 -6.25
C PRO E 121 -35.91 35.38 -7.32
N SER E 122 -36.64 34.31 -7.66
CA SER E 122 -37.60 34.35 -8.76
C SER E 122 -38.90 35.05 -8.31
N ASP E 123 -39.74 35.39 -9.30
CA ASP E 123 -41.03 36.01 -9.06
C ASP E 123 -41.98 34.98 -8.43
N GLU E 124 -41.94 33.75 -8.96
CA GLU E 124 -42.75 32.64 -8.47
C GLU E 124 -42.46 32.37 -6.99
N GLN E 125 -41.18 32.47 -6.60
CA GLN E 125 -40.75 32.27 -5.23
C GLN E 125 -41.21 33.43 -4.33
N LEU E 126 -41.14 34.66 -4.85
CA LEU E 126 -41.50 35.86 -4.09
C LEU E 126 -42.99 35.87 -3.76
N LYS E 127 -43.82 35.35 -4.67
CA LYS E 127 -45.25 35.19 -4.45
C LYS E 127 -45.50 34.23 -3.29
N SER E 128 -44.71 33.14 -3.23
CA SER E 128 -44.82 32.14 -2.18
C SER E 128 -44.42 32.73 -0.82
N GLY E 129 -43.37 33.57 -0.80
CA GLY E 129 -42.91 34.24 0.39
C GLY E 129 -41.68 33.59 1.02
N THR E 130 -40.67 33.33 0.17
CA THR E 130 -39.34 32.91 0.61
C THR E 130 -38.31 33.44 -0.38
N ALA E 131 -37.05 33.58 0.09
CA ALA E 131 -36.02 34.31 -0.63
C ALA E 131 -34.72 33.51 -0.65
N SER E 132 -34.34 33.04 -1.84
CA SER E 132 -33.10 32.30 -2.06
C SER E 132 -32.29 32.94 -3.18
N VAL E 133 -30.97 33.07 -2.97
CA VAL E 133 -30.06 33.62 -3.96
C VAL E 133 -29.00 32.55 -4.27
N VAL E 134 -28.87 32.21 -5.56
CA VAL E 134 -27.98 31.15 -6.02
C VAL E 134 -26.67 31.79 -6.50
N CYS E 135 -25.56 31.42 -5.85
CA CYS E 135 -24.25 31.95 -6.14
C CYS E 135 -23.38 30.85 -6.75
N LEU E 136 -23.23 30.86 -8.09
CA LEU E 136 -22.66 29.74 -8.82
C LEU E 136 -21.17 29.98 -9.06
N LEU E 137 -20.39 28.88 -8.98
CA LEU E 137 -19.00 28.84 -9.40
C LEU E 137 -18.82 27.64 -10.33
N ASN E 138 -18.48 27.90 -11.60
CA ASN E 138 -18.55 26.88 -12.65
C ASN E 138 -17.14 26.46 -13.07
N ASN E 139 -16.89 25.14 -13.01
CA ASN E 139 -15.76 24.49 -13.65
C ASN E 139 -14.43 25.07 -13.17
N PHE E 140 -13.98 24.61 -11.99
CA PHE E 140 -12.75 25.09 -11.39
C PHE E 140 -12.00 23.94 -10.69
N TYR E 141 -10.73 24.23 -10.35
CA TYR E 141 -9.88 23.34 -9.59
C TYR E 141 -8.79 24.19 -8.91
N PRO E 142 -8.46 24.00 -7.61
CA PRO E 142 -8.93 22.89 -6.78
C PRO E 142 -10.33 23.07 -6.18
N ARG E 143 -10.77 22.05 -5.42
CA ARG E 143 -12.12 21.96 -4.87
C ARG E 143 -12.39 23.05 -3.83
N GLU E 144 -11.35 23.49 -3.11
CA GLU E 144 -11.51 24.27 -1.89
C GLU E 144 -12.07 25.67 -2.18
N ALA E 145 -12.86 26.18 -1.22
CA ALA E 145 -13.37 27.54 -1.23
C ALA E 145 -13.88 27.90 0.16
N LYS E 146 -13.95 29.21 0.46
CA LYS E 146 -14.31 29.69 1.79
C LYS E 146 -15.82 29.57 1.99
N GLN E 161 -26.51 27.18 3.08
CA GLN E 161 -26.14 25.78 2.73
C GLN E 161 -25.31 25.75 1.44
N GLU E 162 -24.13 25.13 1.50
CA GLU E 162 -23.28 24.94 0.33
C GLU E 162 -23.58 23.58 -0.31
N SER E 163 -23.15 23.41 -1.57
CA SER E 163 -23.31 22.17 -2.30
C SER E 163 -22.30 22.11 -3.45
N VAL E 164 -21.53 21.01 -3.51
CA VAL E 164 -20.45 20.89 -4.49
C VAL E 164 -20.65 19.59 -5.28
N THR E 165 -20.39 19.66 -6.58
CA THR E 165 -20.59 18.53 -7.49
C THR E 165 -19.44 17.55 -7.37
N GLU E 166 -19.61 16.39 -8.02
CA GLU E 166 -18.55 15.41 -8.21
C GLU E 166 -17.59 15.93 -9.27
N GLN E 167 -16.37 15.36 -9.31
CA GLN E 167 -15.39 15.75 -10.30
C GLN E 167 -15.84 15.24 -11.67
N ASP E 168 -15.60 16.05 -12.71
CA ASP E 168 -16.06 15.75 -14.05
C ASP E 168 -15.22 14.62 -14.65
N SER E 169 -15.83 13.84 -15.54
CA SER E 169 -15.18 12.69 -16.16
C SER E 169 -14.31 13.10 -17.34
N LYS E 170 -14.44 14.34 -17.84
CA LYS E 170 -13.72 14.80 -19.02
C LYS E 170 -12.68 15.84 -18.63
N ASP E 171 -13.15 17.00 -18.14
CA ASP E 171 -12.29 18.15 -17.90
C ASP E 171 -11.83 18.23 -16.44
N SER E 172 -12.27 17.29 -15.60
CA SER E 172 -11.75 17.08 -14.25
C SER E 172 -11.93 18.32 -13.37
N THR E 173 -13.08 19.01 -13.54
CA THR E 173 -13.41 20.22 -12.80
C THR E 173 -14.54 19.94 -11.82
N TYR E 174 -14.78 20.91 -10.92
CA TYR E 174 -15.89 20.87 -9.98
C TYR E 174 -16.80 22.08 -10.22
N SER E 175 -17.95 22.09 -9.53
CA SER E 175 -18.85 23.23 -9.47
C SER E 175 -19.41 23.37 -8.06
N LEU E 176 -19.66 24.62 -7.63
CA LEU E 176 -20.14 24.91 -6.28
C LEU E 176 -21.33 25.87 -6.35
N SER E 177 -22.33 25.65 -5.47
CA SER E 177 -23.50 26.50 -5.35
C SER E 177 -23.78 26.75 -3.86
N SER E 178 -24.10 28.01 -3.53
CA SER E 178 -24.42 28.42 -2.16
C SER E 178 -25.76 29.14 -2.15
N THR E 179 -26.60 28.81 -1.15
CA THR E 179 -27.99 29.24 -1.09
C THR E 179 -28.24 29.95 0.25
N LEU E 180 -28.29 31.29 0.22
CA LEU E 180 -28.65 32.09 1.37
C LEU E 180 -30.17 32.24 1.43
N THR E 181 -30.81 31.53 2.39
CA THR E 181 -32.24 31.57 2.60
C THR E 181 -32.54 32.11 4.01
N CYS E 195 -22.53 37.01 -1.60
CA CYS E 195 -21.53 35.91 -1.56
C CYS E 195 -20.17 36.43 -2.02
N GLU E 196 -19.16 36.29 -1.15
CA GLU E 196 -17.76 36.50 -1.49
C GLU E 196 -17.00 35.21 -1.23
N VAL E 197 -16.27 34.73 -2.25
CA VAL E 197 -15.56 33.45 -2.19
C VAL E 197 -14.18 33.63 -2.81
N THR E 198 -13.16 33.11 -2.12
CA THR E 198 -11.76 33.21 -2.54
C THR E 198 -11.32 31.92 -3.22
N HIS E 199 -10.38 32.03 -4.17
CA HIS E 199 -9.83 30.89 -4.88
C HIS E 199 -8.41 31.23 -5.34
N GLN E 200 -7.63 30.20 -5.65
CA GLN E 200 -6.24 30.33 -6.07
C GLN E 200 -6.15 30.90 -7.49
N GLY E 201 -7.00 30.36 -8.39
CA GLY E 201 -6.98 30.72 -9.81
C GLY E 201 -7.25 32.20 -10.08
N LEU E 202 -8.01 32.85 -9.17
CA LEU E 202 -8.17 34.30 -9.16
C LEU E 202 -7.36 34.89 -8.00
N SER E 203 -6.21 35.50 -8.32
CA SER E 203 -5.26 35.96 -7.32
C SER E 203 -5.85 37.11 -6.49
N SER E 204 -6.33 38.15 -7.19
CA SER E 204 -7.13 39.21 -6.58
C SER E 204 -8.56 38.68 -6.39
N PRO E 205 -9.08 38.56 -5.14
CA PRO E 205 -10.42 38.00 -4.92
C PRO E 205 -11.54 38.69 -5.71
N VAL E 206 -12.13 37.97 -6.66
CA VAL E 206 -13.29 38.43 -7.42
C VAL E 206 -14.53 38.19 -6.56
N THR E 207 -15.47 39.16 -6.61
CA THR E 207 -16.71 39.12 -5.85
C THR E 207 -17.86 39.58 -6.75
N LYS E 208 -19.06 39.00 -6.53
CA LYS E 208 -20.27 39.39 -7.24
C LYS E 208 -21.49 39.30 -6.30
N PHE F 1 -7.31 -30.50 14.97
CA PHE F 1 -7.92 -31.48 14.02
C PHE F 1 -7.22 -31.39 12.66
N LYS F 2 -7.21 -32.51 11.94
CA LYS F 2 -6.51 -32.65 10.67
C LYS F 2 -7.32 -33.55 9.75
N VAL F 3 -7.02 -33.48 8.44
CA VAL F 3 -7.68 -34.30 7.43
C VAL F 3 -6.69 -35.33 6.91
N ALA F 4 -7.14 -36.59 6.85
CA ALA F 4 -6.37 -37.68 6.26
C ALA F 4 -7.09 -38.16 5.01
N THR F 5 -6.31 -38.48 3.97
CA THR F 5 -6.81 -38.90 2.67
C THR F 5 -6.29 -40.31 2.39
N PRO F 6 -7.13 -41.37 2.51
CA PRO F 6 -6.66 -42.76 2.40
C PRO F 6 -6.06 -43.14 1.04
N TYR F 7 -6.67 -42.66 -0.05
CA TYR F 7 -6.14 -42.88 -1.39
C TYR F 7 -5.81 -41.54 -2.04
N SER F 8 -4.62 -41.45 -2.64
CA SER F 8 -4.14 -40.24 -3.30
C SER F 8 -4.65 -40.14 -4.73
N LEU F 9 -4.84 -41.30 -5.38
CA LEU F 9 -5.30 -41.35 -6.76
C LEU F 9 -6.38 -42.42 -6.90
N TYR F 10 -7.45 -42.05 -7.61
CA TYR F 10 -8.50 -42.96 -8.03
C TYR F 10 -8.52 -43.01 -9.55
N VAL F 11 -8.38 -44.21 -10.13
CA VAL F 11 -8.48 -44.41 -11.57
C VAL F 11 -9.71 -45.29 -11.82
N CYS F 12 -10.67 -44.76 -12.60
CA CYS F 12 -11.95 -45.44 -12.83
C CYS F 12 -12.28 -45.45 -14.32
N PRO F 13 -13.07 -46.43 -14.80
CA PRO F 13 -13.65 -46.36 -16.15
C PRO F 13 -14.96 -45.58 -16.18
N GLU F 14 -15.39 -45.20 -17.40
CA GLU F 14 -16.66 -44.54 -17.61
C GLU F 14 -17.81 -45.45 -17.18
N GLY F 15 -18.85 -44.86 -16.57
CA GLY F 15 -20.04 -45.58 -16.16
C GLY F 15 -20.06 -45.98 -14.69
N GLN F 16 -18.88 -46.02 -14.06
CA GLN F 16 -18.74 -46.54 -12.70
C GLN F 16 -19.28 -45.53 -11.69
N ASN F 17 -19.43 -46.01 -10.45
CA ASN F 17 -19.67 -45.15 -9.29
C ASN F 17 -18.41 -45.19 -8.42
N VAL F 18 -18.06 -44.03 -7.85
CA VAL F 18 -16.88 -43.89 -7.01
C VAL F 18 -17.23 -43.00 -5.82
N THR F 19 -16.63 -43.32 -4.65
CA THR F 19 -16.79 -42.54 -3.44
C THR F 19 -15.41 -42.07 -2.96
N LEU F 20 -15.15 -40.77 -3.10
CA LEU F 20 -13.92 -40.16 -2.61
C LEU F 20 -14.09 -39.89 -1.11
N THR F 21 -13.03 -40.12 -0.32
CA THR F 21 -13.15 -40.11 1.14
C THR F 21 -12.08 -39.22 1.77
N CYS F 22 -12.50 -38.40 2.74
CA CYS F 22 -11.61 -37.69 3.65
C CYS F 22 -12.02 -38.03 5.08
N ARG F 23 -11.04 -38.41 5.92
CA ARG F 23 -11.29 -38.72 7.32
C ARG F 23 -10.77 -37.57 8.19
N LEU F 24 -11.61 -37.11 9.13
CA LEU F 24 -11.16 -36.20 10.18
C LEU F 24 -10.46 -36.99 11.28
N LEU F 25 -9.55 -36.31 11.99
CA LEU F 25 -8.66 -36.94 12.97
C LEU F 25 -8.38 -35.96 14.10
N GLY F 26 -7.72 -36.45 15.17
CA GLY F 26 -7.19 -35.62 16.23
C GLY F 26 -8.29 -35.03 17.13
N PRO F 27 -7.98 -33.99 17.95
CA PRO F 27 -8.99 -33.37 18.81
C PRO F 27 -9.96 -32.49 18.02
N VAL F 28 -11.25 -32.89 18.01
CA VAL F 28 -12.27 -32.28 17.17
C VAL F 28 -13.12 -31.30 17.97
N ASP F 29 -13.52 -31.68 19.20
CA ASP F 29 -14.49 -30.95 20.01
C ASP F 29 -15.87 -31.07 19.36
N LYS F 30 -16.29 -32.32 19.14
CA LYS F 30 -17.59 -32.63 18.57
C LYS F 30 -18.66 -32.36 19.63
N GLY F 31 -19.05 -31.09 19.76
CA GLY F 31 -20.05 -30.68 20.73
C GLY F 31 -20.72 -29.36 20.34
N HIS F 32 -21.32 -28.70 21.34
CA HIS F 32 -22.00 -27.42 21.16
C HIS F 32 -20.97 -26.30 21.05
N ASP F 33 -21.45 -25.09 20.71
CA ASP F 33 -20.65 -23.89 20.54
C ASP F 33 -19.96 -23.85 19.17
N VAL F 34 -20.11 -24.89 18.35
CA VAL F 34 -19.26 -25.07 17.18
C VAL F 34 -20.04 -25.86 16.11
N THR F 35 -20.01 -25.33 14.88
CA THR F 35 -20.54 -26.02 13.71
C THR F 35 -19.44 -26.14 12.65
N PHE F 36 -19.67 -27.05 11.70
CA PHE F 36 -18.67 -27.40 10.69
C PHE F 36 -19.29 -27.26 9.30
N TYR F 37 -18.79 -26.27 8.54
CA TYR F 37 -19.02 -26.18 7.11
C TYR F 37 -18.08 -27.16 6.41
N LYS F 38 -18.65 -28.12 5.66
CA LYS F 38 -17.86 -29.07 4.90
C LYS F 38 -18.32 -29.04 3.44
N THR F 39 -17.38 -29.00 2.49
CA THR F 39 -17.70 -28.95 1.07
C THR F 39 -16.60 -29.58 0.21
N TRP F 40 -16.96 -29.89 -1.05
CA TRP F 40 -16.05 -30.41 -2.05
C TRP F 40 -15.98 -29.45 -3.24
N TYR F 41 -14.83 -29.48 -3.95
CA TYR F 41 -14.64 -28.74 -5.18
C TYR F 41 -13.41 -29.26 -5.90
N ARG F 42 -13.25 -28.87 -7.18
CA ARG F 42 -12.07 -29.19 -7.96
C ARG F 42 -11.09 -28.02 -7.94
N SER F 43 -9.81 -28.36 -8.05
CA SER F 43 -8.73 -27.39 -7.94
C SER F 43 -7.54 -27.87 -8.78
N SER F 44 -6.35 -27.30 -8.53
CA SER F 44 -5.14 -27.68 -9.24
C SER F 44 -3.99 -27.87 -8.26
N ARG F 45 -2.96 -28.59 -8.74
CA ARG F 45 -1.66 -28.65 -8.07
C ARG F 45 -0.82 -27.47 -8.56
N GLY F 46 -1.03 -26.31 -7.93
CA GLY F 46 -0.16 -25.16 -8.13
C GLY F 46 1.22 -25.38 -7.52
N GLU F 47 2.18 -24.55 -7.93
CA GLU F 47 3.53 -24.58 -7.37
C GLU F 47 3.47 -24.15 -5.91
N VAL F 48 2.88 -22.98 -5.66
CA VAL F 48 2.71 -22.45 -4.31
C VAL F 48 1.57 -23.17 -3.58
N GLN F 49 0.37 -23.17 -4.16
CA GLN F 49 -0.86 -23.47 -3.42
C GLN F 49 -1.64 -24.60 -4.09
N THR F 50 -2.13 -25.52 -3.24
CA THR F 50 -3.05 -26.57 -3.63
C THR F 50 -4.37 -26.33 -2.90
N CYS F 51 -5.48 -26.68 -3.58
CA CYS F 51 -6.84 -26.44 -3.13
C CYS F 51 -7.09 -24.94 -2.93
N SER F 52 -6.42 -24.11 -3.74
CA SER F 52 -6.60 -22.67 -3.70
C SER F 52 -7.78 -22.28 -4.57
N GLU F 53 -7.69 -22.61 -5.88
CA GLU F 53 -8.73 -22.27 -6.82
C GLU F 53 -9.93 -23.19 -6.58
N ARG F 54 -11.14 -22.61 -6.72
CA ARG F 54 -12.38 -23.31 -6.47
C ARG F 54 -13.14 -23.42 -7.78
N ARG F 55 -13.12 -24.61 -8.37
CA ARG F 55 -13.81 -24.86 -9.63
C ARG F 55 -14.88 -25.93 -9.40
N PRO F 56 -15.95 -25.97 -10.23
CA PRO F 56 -17.12 -26.80 -9.92
C PRO F 56 -16.96 -28.28 -10.25
N ILE F 57 -17.85 -29.09 -9.67
CA ILE F 57 -17.94 -30.52 -9.95
C ILE F 57 -19.31 -30.76 -10.59
N ARG F 58 -19.34 -31.07 -11.90
CA ARG F 58 -20.56 -31.24 -12.68
C ARG F 58 -21.43 -29.98 -12.59
N GLN F 59 -20.81 -28.81 -12.84
CA GLN F 59 -21.48 -27.52 -12.89
C GLN F 59 -22.02 -27.08 -11.53
N LEU F 60 -21.55 -27.70 -10.43
CA LEU F 60 -21.98 -27.37 -9.07
C LEU F 60 -20.78 -26.85 -8.29
N THR F 61 -20.90 -25.64 -7.74
CA THR F 61 -19.84 -25.00 -6.99
C THR F 61 -19.80 -25.56 -5.57
N PHE F 62 -18.80 -25.11 -4.80
CA PHE F 62 -18.64 -25.47 -3.40
C PHE F 62 -19.88 -25.14 -2.56
N GLN F 63 -20.59 -24.05 -2.87
CA GLN F 63 -21.79 -23.68 -2.12
C GLN F 63 -22.92 -24.67 -2.37
N ASP F 64 -23.02 -25.19 -3.59
CA ASP F 64 -24.06 -26.17 -3.93
C ASP F 64 -23.84 -27.46 -3.13
N LEU F 65 -22.57 -27.86 -2.97
CA LEU F 65 -22.21 -29.17 -2.43
C LEU F 65 -21.91 -29.11 -0.93
N HIS F 66 -22.15 -27.96 -0.28
CA HIS F 66 -21.71 -27.75 1.09
C HIS F 66 -22.67 -28.45 2.06
N LEU F 67 -22.13 -28.78 3.24
CA LEU F 67 -22.88 -29.34 4.36
C LEU F 67 -22.57 -28.53 5.61
N HIS F 68 -23.62 -28.13 6.34
CA HIS F 68 -23.48 -27.42 7.60
C HIS F 68 -24.17 -28.22 8.70
N HIS F 69 -23.43 -28.52 9.78
CA HIS F 69 -23.97 -29.29 10.89
C HIS F 69 -23.16 -29.05 12.16
N GLY F 70 -23.81 -29.26 13.31
CA GLY F 70 -23.11 -29.36 14.59
C GLY F 70 -22.34 -30.66 14.70
N GLY F 71 -21.32 -30.68 15.56
CA GLY F 71 -20.37 -31.77 15.65
C GLY F 71 -21.02 -33.14 15.89
N HIS F 72 -22.08 -33.16 16.72
CA HIS F 72 -22.78 -34.38 17.08
C HIS F 72 -23.57 -34.95 15.90
N GLN F 73 -24.00 -34.10 14.94
CA GLN F 73 -24.87 -34.52 13.85
C GLN F 73 -24.07 -35.14 12.71
N ALA F 74 -24.78 -35.93 11.89
CA ALA F 74 -24.37 -36.30 10.54
C ALA F 74 -25.20 -35.48 9.55
N ALA F 75 -24.86 -35.55 8.26
CA ALA F 75 -25.52 -34.74 7.25
C ALA F 75 -25.32 -35.32 5.85
N GLN F 76 -26.27 -35.00 4.96
CA GLN F 76 -26.26 -35.42 3.56
C GLN F 76 -26.80 -34.29 2.69
N THR F 77 -26.39 -34.28 1.41
CA THR F 77 -26.94 -33.36 0.43
C THR F 77 -28.32 -33.85 -0.02
N SER F 78 -29.15 -32.92 -0.54
CA SER F 78 -30.56 -33.15 -0.80
C SER F 78 -30.75 -34.13 -1.96
N HIS F 79 -31.95 -34.72 -2.03
CA HIS F 79 -32.28 -35.75 -3.00
C HIS F 79 -32.33 -35.20 -4.42
N ASP F 80 -32.62 -33.89 -4.57
CA ASP F 80 -32.66 -33.22 -5.86
C ASP F 80 -31.32 -33.35 -6.59
N LEU F 81 -30.21 -33.15 -5.86
CA LEU F 81 -28.87 -33.28 -6.41
C LEU F 81 -28.57 -34.73 -6.80
N ALA F 82 -28.88 -35.66 -5.89
CA ALA F 82 -28.59 -37.08 -6.09
C ALA F 82 -29.31 -37.60 -7.33
N GLN F 83 -30.59 -37.23 -7.49
CA GLN F 83 -31.39 -37.68 -8.62
C GLN F 83 -30.91 -37.03 -9.92
N ARG F 84 -30.78 -35.69 -9.91
CA ARG F 84 -30.46 -34.93 -11.11
C ARG F 84 -28.98 -35.07 -11.47
N HIS F 85 -28.10 -34.59 -10.58
CA HIS F 85 -26.70 -34.40 -10.90
C HIS F 85 -25.87 -35.66 -10.64
N GLY F 86 -26.37 -36.59 -9.81
CA GLY F 86 -25.70 -37.84 -9.54
C GLY F 86 -24.58 -37.71 -8.49
N LEU F 87 -24.71 -36.71 -7.61
CA LEU F 87 -23.74 -36.43 -6.57
C LEU F 87 -24.40 -36.56 -5.20
N GLU F 88 -23.70 -37.19 -4.26
CA GLU F 88 -24.06 -37.10 -2.85
C GLU F 88 -22.81 -36.86 -2.01
N SER F 89 -22.69 -35.64 -1.47
CA SER F 89 -21.74 -35.34 -0.41
C SER F 89 -22.36 -35.76 0.93
N ALA F 90 -21.62 -36.59 1.69
CA ALA F 90 -22.13 -37.17 2.92
C ALA F 90 -21.07 -37.09 4.02
N SER F 91 -21.56 -37.08 5.28
CA SER F 91 -20.73 -36.87 6.45
C SER F 91 -21.37 -37.54 7.66
N ASP F 92 -20.65 -38.51 8.25
CA ASP F 92 -21.16 -39.31 9.35
C ASP F 92 -20.41 -38.95 10.64
N HIS F 93 -20.73 -39.67 11.72
CA HIS F 93 -20.22 -39.38 13.05
C HIS F 93 -18.75 -39.83 13.18
N HIS F 94 -18.37 -40.90 12.48
CA HIS F 94 -17.11 -41.58 12.70
C HIS F 94 -16.01 -41.05 11.77
N GLY F 95 -15.85 -39.72 11.73
CA GLY F 95 -14.73 -39.09 11.03
C GLY F 95 -14.96 -38.88 9.53
N ASN F 96 -15.73 -39.77 8.89
CA ASN F 96 -15.75 -39.90 7.44
C ASN F 96 -16.51 -38.73 6.82
N PHE F 97 -15.91 -38.16 5.76
CA PHE F 97 -16.50 -37.15 4.91
C PHE F 97 -16.22 -37.54 3.46
N SER F 98 -17.27 -37.75 2.67
CA SER F 98 -17.15 -38.36 1.36
C SER F 98 -18.04 -37.66 0.33
N ILE F 99 -17.71 -37.85 -0.96
CA ILE F 99 -18.60 -37.51 -2.06
C ILE F 99 -18.70 -38.71 -2.98
N THR F 100 -19.94 -39.06 -3.34
CA THR F 100 -20.25 -40.21 -4.18
C THR F 100 -20.75 -39.70 -5.53
N MET F 101 -20.26 -40.31 -6.61
CA MET F 101 -20.46 -39.81 -7.96
C MET F 101 -21.00 -40.94 -8.84
N ARG F 102 -22.22 -40.76 -9.37
CA ARG F 102 -22.90 -41.78 -10.17
C ARG F 102 -22.59 -41.57 -11.64
N ASN F 103 -22.34 -42.68 -12.36
CA ASN F 103 -22.13 -42.69 -13.81
C ASN F 103 -20.99 -41.75 -14.16
N LEU F 104 -19.75 -42.21 -13.95
CA LEU F 104 -18.56 -41.41 -14.18
C LEU F 104 -18.43 -41.11 -15.67
N THR F 105 -18.17 -39.83 -15.98
CA THR F 105 -17.86 -39.36 -17.32
C THR F 105 -16.41 -38.87 -17.31
N LEU F 106 -15.85 -38.69 -18.52
CA LEU F 106 -14.48 -38.21 -18.69
C LEU F 106 -14.33 -36.79 -18.15
N LEU F 107 -15.43 -36.00 -18.16
CA LEU F 107 -15.42 -34.65 -17.66
C LEU F 107 -15.22 -34.61 -16.13
N ASP F 108 -15.45 -35.72 -15.42
CA ASP F 108 -15.29 -35.76 -13.98
C ASP F 108 -13.83 -35.76 -13.55
N SER F 109 -12.89 -36.17 -14.42
CA SER F 109 -11.47 -36.24 -14.06
C SER F 109 -10.99 -34.88 -13.54
N GLY F 110 -10.09 -34.92 -12.54
CA GLY F 110 -9.56 -33.70 -11.93
C GLY F 110 -9.06 -33.94 -10.51
N LEU F 111 -8.53 -32.88 -9.90
CA LEU F 111 -8.08 -32.91 -8.51
C LEU F 111 -9.23 -32.43 -7.63
N TYR F 112 -9.69 -33.28 -6.70
CA TYR F 112 -10.82 -32.97 -5.84
C TYR F 112 -10.32 -32.63 -4.43
N CYS F 113 -10.86 -31.53 -3.87
CA CYS F 113 -10.49 -31.06 -2.54
C CYS F 113 -11.71 -31.12 -1.63
N CYS F 114 -11.56 -31.80 -0.49
CA CYS F 114 -12.50 -31.69 0.62
C CYS F 114 -12.04 -30.56 1.52
N LEU F 115 -12.99 -29.72 1.97
CA LEU F 115 -12.72 -28.67 2.95
C LEU F 115 -13.58 -28.92 4.19
N VAL F 116 -13.01 -28.64 5.37
CA VAL F 116 -13.75 -28.66 6.63
C VAL F 116 -13.39 -27.38 7.39
N VAL F 117 -14.40 -26.54 7.66
CA VAL F 117 -14.22 -25.24 8.28
C VAL F 117 -14.91 -25.26 9.64
N GLU F 118 -14.12 -25.14 10.72
CA GLU F 118 -14.66 -25.05 12.07
C GLU F 118 -15.18 -23.63 12.29
N ILE F 119 -16.46 -23.51 12.68
CA ILE F 119 -17.12 -22.24 12.87
C ILE F 119 -17.54 -22.12 14.33
N ARG F 120 -17.05 -21.08 15.03
CA ARG F 120 -17.16 -20.97 16.47
C ARG F 120 -17.60 -19.56 16.87
N HIS F 121 -18.92 -19.32 16.79
CA HIS F 121 -19.55 -18.06 17.18
C HIS F 121 -19.00 -16.90 16.36
N HIS F 122 -19.35 -16.90 15.07
CA HIS F 122 -19.04 -15.81 14.15
C HIS F 122 -17.52 -15.69 13.96
N HIS F 123 -16.84 -16.85 13.88
CA HIS F 123 -15.39 -16.92 13.80
C HIS F 123 -15.03 -18.23 13.09
N SER F 124 -14.15 -18.17 12.08
CA SER F 124 -13.89 -19.30 11.20
C SER F 124 -12.42 -19.33 10.79
N GLU F 125 -11.53 -19.41 11.79
CA GLU F 125 -10.11 -19.30 11.59
C GLU F 125 -9.52 -20.67 11.22
N HIS F 126 -9.91 -21.70 11.99
CA HIS F 126 -9.35 -23.03 11.87
C HIS F 126 -10.08 -23.80 10.76
N ARG F 127 -9.41 -23.97 9.61
CA ARG F 127 -9.93 -24.76 8.51
C ARG F 127 -8.80 -25.58 7.88
N VAL F 128 -9.11 -26.85 7.56
CA VAL F 128 -8.18 -27.79 6.99
C VAL F 128 -8.79 -28.34 5.70
N HIS F 129 -7.95 -29.02 4.89
CA HIS F 129 -8.40 -29.62 3.64
C HIS F 129 -7.56 -30.85 3.31
N GLY F 130 -8.09 -31.66 2.37
CA GLY F 130 -7.36 -32.76 1.77
C GLY F 130 -7.68 -32.86 0.28
N ALA F 131 -6.77 -33.48 -0.48
CA ALA F 131 -6.85 -33.46 -1.93
C ALA F 131 -6.46 -34.82 -2.51
N MET F 132 -7.05 -35.15 -3.66
CA MET F 132 -6.83 -36.42 -4.32
C MET F 132 -7.21 -36.30 -5.79
N GLU F 133 -6.51 -37.05 -6.66
CA GLU F 133 -6.79 -37.02 -8.07
C GLU F 133 -7.85 -38.07 -8.39
N LEU F 134 -8.71 -37.73 -9.35
CA LEU F 134 -9.63 -38.67 -10.00
C LEU F 134 -9.25 -38.71 -11.47
N GLN F 135 -9.10 -39.92 -12.02
CA GLN F 135 -8.77 -40.12 -13.42
C GLN F 135 -9.80 -41.05 -14.05
N VAL F 136 -10.75 -40.47 -14.79
CA VAL F 136 -11.71 -41.27 -15.55
C VAL F 136 -11.10 -41.55 -16.92
N GLN F 137 -10.94 -42.84 -17.25
CA GLN F 137 -10.35 -43.29 -18.51
C GLN F 137 -11.42 -44.02 -19.32
N THR F 138 -11.08 -44.33 -20.57
CA THR F 138 -11.93 -45.12 -21.47
C THR F 138 -11.05 -45.88 -22.45
N GLY F 139 -11.66 -46.90 -23.11
CA GLY F 139 -10.95 -47.80 -24.01
C GLY F 139 -10.58 -49.11 -23.33
N LYS F 140 -9.86 -49.97 -24.06
CA LYS F 140 -9.49 -51.30 -23.59
C LYS F 140 -8.35 -51.22 -22.56
N ASP F 141 -7.59 -50.12 -22.58
CA ASP F 141 -6.57 -49.86 -21.58
C ASP F 141 -7.19 -49.56 -20.22
N ALA F 142 -8.40 -48.98 -20.20
CA ALA F 142 -9.06 -48.58 -18.97
C ALA F 142 -9.41 -49.81 -18.13
N PRO F 143 -9.38 -49.71 -16.78
CA PRO F 143 -9.58 -50.88 -15.92
C PRO F 143 -11.05 -51.32 -15.84
N SER F 144 -11.26 -52.55 -15.36
CA SER F 144 -12.59 -53.15 -15.24
C SER F 144 -13.40 -52.42 -14.17
N ASN F 145 -12.73 -52.12 -13.03
CA ASN F 145 -13.34 -51.44 -11.91
C ASN F 145 -12.42 -50.30 -11.47
N CYS F 146 -12.82 -49.55 -10.44
CA CYS F 146 -12.01 -48.45 -9.92
C CYS F 146 -10.74 -49.01 -9.28
N VAL F 147 -9.64 -48.27 -9.44
CA VAL F 147 -8.31 -48.64 -8.96
C VAL F 147 -7.82 -47.50 -8.05
N VAL F 148 -7.39 -47.84 -6.83
CA VAL F 148 -7.04 -46.82 -5.84
C VAL F 148 -5.59 -47.02 -5.40
N TYR F 149 -4.90 -45.89 -5.19
CA TYR F 149 -3.50 -45.87 -4.80
C TYR F 149 -3.43 -45.30 -3.38
N PRO F 150 -3.06 -46.10 -2.34
CA PRO F 150 -2.97 -45.60 -0.97
C PRO F 150 -1.96 -44.46 -0.80
N SER F 151 -2.30 -43.52 0.09
CA SER F 151 -1.48 -42.33 0.29
C SER F 151 -0.34 -42.64 1.26
N SER F 152 0.65 -41.74 1.29
CA SER F 152 1.83 -41.87 2.14
C SER F 152 2.45 -40.50 2.40
#